data_4UUI
#
_entry.id   4UUI
#
_cell.length_a   77.985
_cell.length_b   116.665
_cell.length_c   83.678
_cell.angle_alpha   90.00
_cell.angle_beta   118.06
_cell.angle_gamma   90.00
#
_symmetry.space_group_name_H-M   'P 1 21 1'
#
loop_
_entity.id
_entity.type
_entity.pdbx_description
1 polymer 'N-ACETYLNEURAMINATE LYASE'
2 non-polymer 'PYRUVIC ACID'
3 non-polymer 'SODIUM ION'
4 non-polymer 'PENTAETHYLENE GLYCOL'
5 water water
#
_entity_poly.entity_id   1
_entity_poly.type   'polypeptide(L)'
_entity_poly.pdbx_seq_one_letter_code
;MEHHHHHHATNLRGVMAALLTPFDQQQALDKASLRRLVQFNIQQGIDGLYVGGSTGEAFVQSLSEREQVLEIVAEEAKGK
IKLIAHVGCVSTAESQQLAASAKRYGFDAVSAVTPFYYPFSFEEHCDHYRAIIDSADGLPMVVFNIPALSGVKLTLDQIN
TLVTLPGVGAL(KPI)QTSGDLYQMEQIRREHPDLVLYNGYDNIFASGLLAGADGGIGSTYNIMGWRYQGIVKALKEGDI
QTAQKLQTECNKVIDLLIKTGVFRGLKTVLHYMDVVSVPLCRKPFGPVDEKYLPELKALAQQLMQERG
;
_entity_poly.pdbx_strand_id   A,B,C,D
#
loop_
_chem_comp.id
_chem_comp.type
_chem_comp.name
_chem_comp.formula
1PE non-polymer 'PENTAETHYLENE GLYCOL' 'C10 H22 O6'
NA non-polymer 'SODIUM ION' 'Na 1'
PYR non-polymer 'PYRUVIC ACID' 'C3 H4 O3'
#
# COMPACT_ATOMS: atom_id res chain seq x y z
N HIS A 5 20.85 -29.29 -3.26
CA HIS A 5 19.98 -29.15 -4.47
C HIS A 5 20.34 -27.94 -5.34
N HIS A 6 20.86 -26.87 -4.73
CA HIS A 6 21.24 -25.68 -5.50
C HIS A 6 22.41 -25.98 -6.43
N HIS A 7 23.48 -26.53 -5.87
CA HIS A 7 24.67 -26.93 -6.64
C HIS A 7 24.31 -27.85 -7.82
N HIS A 8 23.32 -28.72 -7.61
CA HIS A 8 22.87 -29.65 -8.65
C HIS A 8 22.30 -28.94 -9.90
N ALA A 9 21.67 -27.79 -9.71
CA ALA A 9 20.94 -27.09 -10.79
C ALA A 9 21.76 -25.99 -11.51
N THR A 10 23.08 -26.00 -11.31
CA THR A 10 23.98 -25.02 -11.92
C THR A 10 23.78 -24.78 -13.42
N ASN A 11 23.42 -25.84 -14.16
CA ASN A 11 23.19 -25.76 -15.62
C ASN A 11 22.04 -24.83 -16.05
N LEU A 12 21.21 -24.40 -15.10
CA LEU A 12 20.09 -23.51 -15.38
C LEU A 12 20.48 -22.02 -15.34
N ARG A 13 21.70 -21.73 -14.94
CA ARG A 13 22.18 -20.35 -14.90
C ARG A 13 22.23 -19.75 -16.29
N GLY A 14 21.81 -18.48 -16.43
CA GLY A 14 21.87 -17.79 -17.71
C GLY A 14 20.75 -16.78 -17.98
N VAL A 15 20.70 -16.34 -19.23
CA VAL A 15 19.78 -15.31 -19.69
C VAL A 15 18.72 -16.03 -20.53
N MET A 16 17.48 -16.03 -20.00
CA MET A 16 16.37 -16.79 -20.56
CA MET A 16 16.40 -16.76 -20.63
C MET A 16 15.20 -15.88 -20.92
N ALA A 17 14.75 -15.91 -22.16
CA ALA A 17 13.65 -15.08 -22.58
C ALA A 17 12.34 -15.65 -22.01
N ALA A 18 11.53 -14.76 -21.44
CA ALA A 18 10.16 -15.09 -21.06
C ALA A 18 9.28 -15.04 -22.31
N LEU A 19 8.99 -16.22 -22.86
CA LEU A 19 8.39 -16.34 -24.17
C LEU A 19 6.97 -15.81 -24.23
N LEU A 20 6.69 -14.98 -25.23
CA LEU A 20 5.34 -14.50 -25.47
C LEU A 20 4.55 -15.61 -26.14
N THR A 21 3.24 -15.65 -25.89
CA THR A 21 2.36 -16.61 -26.56
C THR A 21 1.60 -15.89 -27.67
N PRO A 22 1.94 -16.17 -28.94
CA PRO A 22 1.21 -15.53 -30.04
C PRO A 22 -0.24 -15.98 -30.15
N PHE A 23 -1.13 -15.03 -30.43
CA PHE A 23 -2.54 -15.30 -30.71
C PHE A 23 -2.91 -14.69 -32.07
N ASP A 24 -4.05 -15.09 -32.62
CA ASP A 24 -4.59 -14.48 -33.85
C ASP A 24 -5.76 -13.54 -33.55
N GLN A 25 -6.41 -13.03 -34.60
CA GLN A 25 -7.51 -12.05 -34.45
C GLN A 25 -8.79 -12.63 -33.82
N GLN A 26 -8.92 -13.97 -33.85
CA GLN A 26 -10.05 -14.62 -33.18
CA GLN A 26 -10.01 -14.72 -33.23
C GLN A 26 -9.66 -15.10 -31.79
N GLN A 27 -8.48 -14.67 -31.35
CA GLN A 27 -7.90 -14.92 -30.01
CA GLN A 27 -7.96 -14.94 -29.99
C GLN A 27 -7.46 -16.38 -29.82
N ALA A 28 -7.44 -17.15 -30.92
CA ALA A 28 -6.90 -18.52 -30.87
C ALA A 28 -5.37 -18.52 -30.79
N LEU A 29 -4.78 -19.62 -30.35
CA LEU A 29 -3.32 -19.80 -30.42
C LEU A 29 -2.84 -19.68 -31.87
N ASP A 30 -1.75 -18.95 -32.08
CA ASP A 30 -1.06 -18.93 -33.39
C ASP A 30 0.20 -19.80 -33.30
N LYS A 31 0.06 -21.06 -33.69
CA LYS A 31 1.13 -22.05 -33.50
C LYS A 31 2.29 -21.84 -34.48
N ALA A 32 1.99 -21.34 -35.67
CA ALA A 32 3.03 -21.03 -36.66
C ALA A 32 3.91 -19.90 -36.18
N SER A 33 3.29 -18.83 -35.65
CA SER A 33 4.06 -17.70 -35.10
C SER A 33 4.81 -18.10 -33.83
N LEU A 34 4.23 -18.99 -33.02
CA LEU A 34 4.94 -19.55 -31.87
C LEU A 34 6.23 -20.25 -32.28
N ARG A 35 6.16 -21.11 -33.29
CA ARG A 35 7.36 -21.82 -33.77
C ARG A 35 8.39 -20.81 -34.30
N ARG A 36 7.93 -19.82 -35.06
CA ARG A 36 8.80 -18.76 -35.58
C ARG A 36 9.53 -18.01 -34.45
N LEU A 37 8.81 -17.70 -33.37
CA LEU A 37 9.35 -16.96 -32.24
C LEU A 37 10.38 -17.77 -31.48
N VAL A 38 10.13 -19.07 -31.33
CA VAL A 38 11.09 -19.96 -30.69
C VAL A 38 12.37 -19.98 -31.51
N GLN A 39 12.24 -20.19 -32.81
CA GLN A 39 13.39 -20.25 -33.71
C GLN A 39 14.09 -18.89 -33.76
N PHE A 40 13.33 -17.81 -33.74
CA PHE A 40 13.90 -16.45 -33.68
C PHE A 40 14.81 -16.28 -32.46
N ASN A 41 14.28 -16.65 -31.29
CA ASN A 41 15.02 -16.62 -30.04
C ASN A 41 16.30 -17.47 -30.07
N ILE A 42 16.24 -18.70 -30.60
CA ILE A 42 17.40 -19.59 -30.72
CA ILE A 42 17.44 -19.54 -30.67
C ILE A 42 18.48 -18.97 -31.63
N GLN A 43 18.03 -18.30 -32.69
CA GLN A 43 18.94 -17.63 -33.63
C GLN A 43 19.62 -16.41 -33.01
N GLN A 44 18.96 -15.76 -32.05
CA GLN A 44 19.55 -14.66 -31.28
C GLN A 44 20.66 -15.14 -30.35
N GLY A 45 20.66 -16.43 -30.02
CA GLY A 45 21.65 -16.98 -29.09
C GLY A 45 21.23 -16.87 -27.63
N ILE A 46 19.93 -16.85 -27.37
CA ILE A 46 19.42 -16.89 -25.99
C ILE A 46 19.86 -18.19 -25.32
N ASP A 47 20.05 -18.18 -24.00
CA ASP A 47 20.47 -19.39 -23.27
C ASP A 47 19.31 -20.36 -23.09
N GLY A 48 18.08 -19.85 -23.20
CA GLY A 48 16.91 -20.68 -22.97
C GLY A 48 15.64 -19.88 -22.95
N LEU A 49 14.52 -20.59 -22.75
CA LEU A 49 13.21 -19.98 -22.75
C LEU A 49 12.40 -20.39 -21.53
N TYR A 50 11.67 -19.43 -20.98
CA TYR A 50 10.76 -19.61 -19.88
C TYR A 50 9.38 -19.55 -20.51
N VAL A 51 8.65 -20.67 -20.50
CA VAL A 51 7.45 -20.82 -21.32
C VAL A 51 6.17 -20.76 -20.48
N GLY A 52 5.19 -20.01 -20.97
CA GLY A 52 3.87 -19.95 -20.36
C GLY A 52 3.88 -19.22 -19.03
N GLY A 53 4.73 -18.21 -18.92
CA GLY A 53 4.84 -17.41 -17.69
C GLY A 53 3.86 -16.26 -17.65
N SER A 54 4.14 -15.27 -16.79
CA SER A 54 3.39 -14.02 -16.72
C SER A 54 3.40 -13.34 -18.10
N THR A 55 4.59 -13.18 -18.67
CA THR A 55 4.79 -12.62 -20.02
C THR A 55 4.05 -13.43 -21.07
N GLY A 56 4.01 -14.74 -20.87
CA GLY A 56 3.35 -15.64 -21.81
C GLY A 56 1.84 -15.68 -21.73
N GLU A 57 1.24 -14.77 -20.96
CA GLU A 57 -0.22 -14.65 -20.81
C GLU A 57 -0.87 -15.94 -20.29
N ALA A 58 -0.16 -16.58 -19.37
CA ALA A 58 -0.59 -17.84 -18.77
C ALA A 58 -2.01 -17.78 -18.20
N PHE A 59 -2.33 -16.67 -17.56
CA PHE A 59 -3.53 -16.56 -16.74
C PHE A 59 -4.79 -16.18 -17.53
N VAL A 60 -4.64 -16.00 -18.84
CA VAL A 60 -5.78 -15.92 -19.76
C VAL A 60 -5.84 -17.11 -20.73
N GLN A 61 -5.13 -18.19 -20.40
CA GLN A 61 -5.24 -19.42 -21.17
C GLN A 61 -5.79 -20.56 -20.33
N SER A 62 -6.37 -21.55 -21.01
CA SER A 62 -6.74 -22.81 -20.36
C SER A 62 -5.52 -23.70 -20.15
N LEU A 63 -5.68 -24.71 -19.29
CA LEU A 63 -4.62 -25.71 -19.14
C LEU A 63 -4.23 -26.36 -20.46
N SER A 64 -5.24 -26.73 -21.27
CA SER A 64 -5.01 -27.41 -22.57
C SER A 64 -4.15 -26.52 -23.49
N GLU A 65 -4.49 -25.24 -23.53
CA GLU A 65 -3.75 -24.29 -24.38
C GLU A 65 -2.31 -24.19 -23.91
N ARG A 66 -2.14 -24.11 -22.60
CA ARG A 66 -0.83 -23.98 -22.03
C ARG A 66 0.02 -25.21 -22.35
N GLU A 67 -0.56 -26.41 -22.23
CA GLU A 67 0.09 -27.65 -22.63
C GLU A 67 0.48 -27.67 -24.11
N GLN A 68 -0.44 -27.26 -24.98
CA GLN A 68 -0.17 -27.22 -26.43
C GLN A 68 1.06 -26.37 -26.75
N VAL A 69 1.13 -25.20 -26.11
CA VAL A 69 2.29 -24.31 -26.22
C VAL A 69 3.55 -24.98 -25.69
N LEU A 70 3.50 -25.57 -24.49
CA LEU A 70 4.66 -26.26 -23.93
C LEU A 70 5.19 -27.34 -24.87
N GLU A 71 4.27 -28.14 -25.42
CA GLU A 71 4.64 -29.26 -26.30
C GLU A 71 5.38 -28.77 -27.54
N ILE A 72 4.82 -27.77 -28.20
CA ILE A 72 5.41 -27.19 -29.41
C ILE A 72 6.80 -26.61 -29.14
N VAL A 73 6.94 -25.85 -28.05
CA VAL A 73 8.26 -25.27 -27.74
C VAL A 73 9.30 -26.36 -27.57
N ALA A 74 8.96 -27.42 -26.82
CA ALA A 74 9.86 -28.56 -26.66
C ALA A 74 10.23 -29.21 -28.01
N GLU A 75 9.24 -29.37 -28.89
CA GLU A 75 9.50 -29.93 -30.23
C GLU A 75 10.51 -29.06 -30.99
N GLU A 76 10.36 -27.74 -30.90
CA GLU A 76 11.23 -26.82 -31.61
C GLU A 76 12.61 -26.64 -31.00
N ALA A 77 12.72 -26.78 -29.68
CA ALA A 77 13.93 -26.34 -28.96
C ALA A 77 14.58 -27.38 -28.04
N LYS A 78 13.91 -28.47 -27.71
CA LYS A 78 14.50 -29.43 -26.77
C LYS A 78 15.89 -29.84 -27.27
N GLY A 79 16.88 -29.79 -26.39
CA GLY A 79 18.26 -30.15 -26.72
C GLY A 79 19.13 -29.00 -27.20
N LYS A 80 18.53 -27.93 -27.71
CA LYS A 80 19.27 -26.80 -28.29
C LYS A 80 19.56 -25.68 -27.28
N ILE A 81 18.57 -25.42 -26.43
CA ILE A 81 18.65 -24.41 -25.37
C ILE A 81 17.87 -24.94 -24.16
N LYS A 82 18.01 -24.28 -23.01
CA LYS A 82 17.34 -24.72 -21.81
C LYS A 82 15.87 -24.34 -21.86
N LEU A 83 15.03 -25.19 -21.27
CA LEU A 83 13.59 -25.03 -21.33
C LEU A 83 13.00 -25.10 -19.92
N ILE A 84 12.35 -24.02 -19.51
CA ILE A 84 11.70 -23.94 -18.20
C ILE A 84 10.22 -23.76 -18.45
N ALA A 85 9.42 -24.63 -17.85
CA ALA A 85 7.98 -24.59 -18.02
C ALA A 85 7.37 -23.85 -16.84
N HIS A 86 6.71 -22.72 -17.09
CA HIS A 86 5.97 -22.11 -16.01
C HIS A 86 4.62 -22.79 -15.91
N VAL A 87 4.44 -23.54 -14.83
CA VAL A 87 3.27 -24.39 -14.66
C VAL A 87 2.31 -23.84 -13.61
N GLY A 88 2.60 -22.65 -13.09
CA GLY A 88 1.87 -22.07 -11.99
C GLY A 88 0.45 -21.67 -12.29
N CYS A 89 -0.46 -22.10 -11.41
CA CYS A 89 -1.86 -21.68 -11.39
C CYS A 89 -2.22 -21.34 -9.96
N VAL A 90 -3.39 -20.75 -9.75
CA VAL A 90 -3.87 -20.54 -8.39
C VAL A 90 -4.04 -21.93 -7.77
N SER A 91 -4.72 -22.81 -8.51
CA SER A 91 -4.95 -24.20 -8.08
C SER A 91 -3.65 -25.04 -8.07
N THR A 92 -3.41 -25.72 -6.95
CA THR A 92 -2.31 -26.69 -6.88
C THR A 92 -2.50 -27.83 -7.88
N ALA A 93 -3.70 -28.42 -7.92
CA ALA A 93 -3.98 -29.55 -8.82
C ALA A 93 -3.78 -29.22 -10.31
N GLU A 94 -4.24 -28.04 -10.71
CA GLU A 94 -3.97 -27.53 -12.06
C GLU A 94 -2.46 -27.40 -12.32
N SER A 95 -1.72 -26.83 -11.37
CA SER A 95 -0.28 -26.67 -11.52
C SER A 95 0.44 -28.02 -11.65
N GLN A 96 -0.04 -28.98 -10.88
CA GLN A 96 0.50 -30.34 -10.96
C GLN A 96 0.31 -30.95 -12.34
N GLN A 97 -0.85 -30.74 -12.94
CA GLN A 97 -1.13 -31.28 -14.28
C GLN A 97 -0.13 -30.72 -15.29
N LEU A 98 0.10 -29.41 -15.24
CA LEU A 98 1.07 -28.78 -16.13
C LEU A 98 2.49 -29.29 -15.85
N ALA A 99 2.80 -29.54 -14.58
CA ALA A 99 4.12 -30.04 -14.17
C ALA A 99 4.35 -31.42 -14.77
N ALA A 100 3.38 -32.31 -14.61
CA ALA A 100 3.44 -33.65 -15.19
C ALA A 100 3.63 -33.61 -16.70
N SER A 101 2.95 -32.66 -17.35
CA SER A 101 3.05 -32.49 -18.79
C SER A 101 4.45 -32.00 -19.24
N ALA A 102 4.99 -31.02 -18.50
CA ALA A 102 6.34 -30.51 -18.75
C ALA A 102 7.40 -31.63 -18.70
N LYS A 103 7.26 -32.53 -17.73
CA LYS A 103 8.09 -33.72 -17.63
C LYS A 103 7.92 -34.65 -18.85
N ARG A 104 6.68 -34.92 -19.25
CA ARG A 104 6.42 -35.74 -20.44
C ARG A 104 7.08 -35.16 -21.69
N TYR A 105 7.08 -33.83 -21.81
CA TYR A 105 7.61 -33.15 -23.01
C TYR A 105 9.11 -32.95 -22.99
N GLY A 106 9.76 -33.21 -21.85
CA GLY A 106 11.20 -33.14 -21.73
C GLY A 106 11.77 -31.77 -21.42
N PHE A 107 11.01 -30.94 -20.69
CA PHE A 107 11.56 -29.66 -20.21
C PHE A 107 12.68 -29.90 -19.19
N ASP A 108 13.53 -28.90 -19.00
CA ASP A 108 14.67 -29.00 -18.07
C ASP A 108 14.30 -28.61 -16.64
N ALA A 109 13.21 -27.87 -16.47
CA ALA A 109 12.76 -27.45 -15.17
C ALA A 109 11.32 -26.98 -15.23
N VAL A 110 10.68 -26.93 -14.07
CA VAL A 110 9.38 -26.27 -13.90
C VAL A 110 9.53 -25.01 -13.05
N SER A 111 8.49 -24.19 -13.05
CA SER A 111 8.46 -22.95 -12.28
C SER A 111 7.00 -22.64 -11.94
N ALA A 112 6.74 -22.03 -10.79
CA ALA A 112 5.40 -21.61 -10.40
C ALA A 112 5.37 -20.31 -9.61
N VAL A 113 4.50 -19.41 -10.03
CA VAL A 113 4.26 -18.15 -9.36
C VAL A 113 3.64 -18.49 -8.01
N THR A 114 3.92 -17.70 -6.99
CA THR A 114 3.21 -17.84 -5.72
C THR A 114 1.70 -17.70 -6.03
N PRO A 115 0.89 -18.70 -5.64
CA PRO A 115 -0.51 -18.58 -6.02
C PRO A 115 -1.16 -17.33 -5.45
N PHE A 116 -2.02 -16.71 -6.27
CA PHE A 116 -2.50 -15.36 -6.04
C PHE A 116 -4.02 -15.33 -5.82
N TYR A 117 -4.56 -14.11 -5.72
CA TYR A 117 -5.98 -13.80 -5.50
C TYR A 117 -6.42 -14.11 -4.07
N TYR A 118 -6.52 -15.40 -3.74
CA TYR A 118 -6.91 -15.81 -2.39
C TYR A 118 -5.70 -15.76 -1.45
N PRO A 119 -5.83 -15.12 -0.29
CA PRO A 119 -4.72 -15.19 0.67
C PRO A 119 -4.48 -16.59 1.21
N PHE A 120 -3.24 -17.07 1.07
CA PHE A 120 -2.81 -18.34 1.64
C PHE A 120 -1.73 -18.12 2.72
N SER A 121 -1.70 -19.00 3.69
CA SER A 121 -0.68 -18.97 4.75
C SER A 121 0.65 -19.38 4.14
N PHE A 122 1.73 -19.03 4.79
CA PHE A 122 3.03 -19.49 4.34
C PHE A 122 3.13 -21.02 4.25
N GLU A 123 2.59 -21.73 5.24
CA GLU A 123 2.58 -23.19 5.19
C GLU A 123 1.87 -23.69 3.93
N GLU A 124 0.79 -23.02 3.54
CA GLU A 124 0.03 -23.42 2.35
C GLU A 124 0.84 -23.19 1.08
N HIS A 125 1.59 -22.10 1.02
CA HIS A 125 2.51 -21.88 -0.10
C HIS A 125 3.54 -22.99 -0.17
N CYS A 126 4.10 -23.35 0.97
CA CYS A 126 5.13 -24.41 0.99
C CYS A 126 4.59 -25.75 0.45
N ASP A 127 3.41 -26.14 0.91
CA ASP A 127 2.75 -27.38 0.47
C ASP A 127 2.45 -27.37 -1.03
N HIS A 128 2.05 -26.21 -1.53
CA HIS A 128 1.77 -25.99 -2.95
C HIS A 128 3.03 -26.32 -3.78
N TYR A 129 4.16 -25.73 -3.41
CA TYR A 129 5.41 -26.01 -4.11
C TYR A 129 5.84 -27.48 -3.97
N ARG A 130 5.71 -28.03 -2.77
CA ARG A 130 6.01 -29.46 -2.55
C ARG A 130 5.22 -30.35 -3.49
N ALA A 131 3.91 -30.08 -3.59
CA ALA A 131 3.03 -30.88 -4.43
C ALA A 131 3.44 -30.81 -5.89
N ILE A 132 3.73 -29.60 -6.37
CA ILE A 132 4.16 -29.42 -7.76
C ILE A 132 5.50 -30.08 -8.01
N ILE A 133 6.43 -29.94 -7.08
CA ILE A 133 7.73 -30.61 -7.19
C ILE A 133 7.57 -32.13 -7.35
N ASP A 134 6.71 -32.73 -6.54
CA ASP A 134 6.43 -34.16 -6.65
C ASP A 134 5.95 -34.51 -8.05
N SER A 135 5.05 -33.70 -8.62
CA SER A 135 4.49 -33.96 -9.94
C SER A 135 5.50 -33.73 -11.07
N ALA A 136 6.49 -32.87 -10.82
CA ALA A 136 7.55 -32.59 -11.79
C ALA A 136 8.50 -33.79 -11.94
N ASP A 137 8.38 -34.76 -11.03
CA ASP A 137 9.00 -36.08 -11.19
C ASP A 137 10.48 -35.97 -11.58
N GLY A 138 11.21 -35.10 -10.89
CA GLY A 138 12.64 -34.95 -11.13
C GLY A 138 13.10 -33.62 -11.72
N LEU A 139 12.21 -32.89 -12.38
CA LEU A 139 12.56 -31.56 -12.89
C LEU A 139 12.73 -30.57 -11.72
N PRO A 140 13.87 -29.84 -11.68
CA PRO A 140 14.06 -28.80 -10.66
C PRO A 140 12.94 -27.75 -10.71
N MET A 141 12.58 -27.21 -9.55
CA MET A 141 11.61 -26.12 -9.44
C MET A 141 12.33 -24.78 -9.39
N VAL A 142 11.81 -23.83 -10.17
CA VAL A 142 12.23 -22.44 -10.09
C VAL A 142 11.10 -21.67 -9.40
N VAL A 143 11.30 -21.29 -8.14
CA VAL A 143 10.29 -20.51 -7.39
C VAL A 143 10.18 -19.15 -8.08
N PHE A 144 8.95 -18.66 -8.27
CA PHE A 144 8.74 -17.39 -8.99
C PHE A 144 8.05 -16.39 -8.07
N ASN A 145 8.81 -15.37 -7.67
CA ASN A 145 8.36 -14.31 -6.77
C ASN A 145 8.12 -13.03 -7.58
N ILE A 146 6.88 -12.54 -7.59
CA ILE A 146 6.51 -11.29 -8.28
C ILE A 146 5.47 -10.49 -7.45
N PRO A 147 5.91 -9.92 -6.33
CA PRO A 147 4.98 -9.30 -5.36
C PRO A 147 4.07 -8.22 -5.94
N ALA A 148 4.56 -7.47 -6.92
CA ALA A 148 3.79 -6.35 -7.50
C ALA A 148 2.49 -6.81 -8.17
N LEU A 149 2.47 -8.02 -8.72
CA LEU A 149 1.28 -8.57 -9.38
C LEU A 149 0.57 -9.63 -8.54
N SER A 150 1.33 -10.42 -7.79
CA SER A 150 0.77 -11.53 -7.02
C SER A 150 0.07 -11.07 -5.74
N GLY A 151 0.54 -9.98 -5.16
CA GLY A 151 0.05 -9.55 -3.86
C GLY A 151 0.59 -10.39 -2.70
N VAL A 152 1.52 -11.28 -2.99
CA VAL A 152 2.11 -12.14 -1.97
C VAL A 152 3.44 -11.51 -1.56
N LYS A 153 3.54 -11.08 -0.31
CA LYS A 153 4.77 -10.47 0.18
C LYS A 153 5.46 -11.39 1.18
N LEU A 154 6.42 -12.14 0.66
CA LEU A 154 7.18 -13.07 1.46
C LEU A 154 8.27 -12.31 2.23
N THR A 155 8.45 -12.63 3.50
CA THR A 155 9.62 -12.15 4.23
C THR A 155 10.88 -12.81 3.65
N LEU A 156 12.05 -12.27 3.97
CA LEU A 156 13.30 -12.93 3.58
C LEU A 156 13.38 -14.34 4.17
N ASP A 157 12.99 -14.49 5.44
CA ASP A 157 13.00 -15.80 6.09
CA ASP A 157 12.98 -15.79 6.09
C ASP A 157 12.13 -16.79 5.30
N GLN A 158 10.97 -16.33 4.87
CA GLN A 158 10.05 -17.19 4.11
C GLN A 158 10.62 -17.56 2.74
N ILE A 159 11.28 -16.62 2.07
CA ILE A 159 11.95 -16.92 0.82
C ILE A 159 13.06 -17.97 1.02
N ASN A 160 13.86 -17.81 2.07
CA ASN A 160 14.91 -18.79 2.42
C ASN A 160 14.38 -20.22 2.59
N THR A 161 13.24 -20.33 3.27
CA THR A 161 12.57 -21.62 3.44
C THR A 161 12.11 -22.19 2.09
N LEU A 162 11.49 -21.35 1.26
CA LEU A 162 10.99 -21.81 -0.05
C LEU A 162 12.09 -22.28 -0.98
N VAL A 163 13.20 -21.55 -1.02
CA VAL A 163 14.26 -21.88 -1.97
C VAL A 163 15.12 -23.05 -1.49
N THR A 164 14.91 -23.52 -0.27
CA THR A 164 15.64 -24.68 0.24
C THR A 164 14.74 -25.90 0.41
N LEU A 165 13.50 -25.83 -0.06
CA LEU A 165 12.68 -27.03 -0.16
C LEU A 165 13.37 -28.05 -1.06
N PRO A 166 13.27 -29.33 -0.69
CA PRO A 166 13.79 -30.36 -1.57
C PRO A 166 13.21 -30.23 -2.99
N GLY A 167 14.08 -30.15 -4.00
CA GLY A 167 13.66 -30.03 -5.39
C GLY A 167 13.83 -28.65 -5.99
N VAL A 168 13.93 -27.61 -5.15
CA VAL A 168 14.10 -26.25 -5.67
C VAL A 168 15.56 -25.98 -6.05
N GLY A 169 15.75 -25.51 -7.28
CA GLY A 169 17.08 -25.19 -7.79
C GLY A 169 17.27 -23.79 -8.31
N ALA A 170 16.26 -22.93 -8.17
CA ALA A 170 16.38 -21.55 -8.66
C ALA A 170 15.26 -20.65 -8.14
N LEU A 171 15.52 -19.35 -8.15
CA LEU A 171 14.52 -18.32 -7.84
C LEU A 171 14.48 -17.31 -8.97
N KPI A 172 13.31 -17.13 -9.56
CA KPI A 172 13.06 -15.99 -10.42
CB KPI A 172 12.05 -16.31 -11.51
CG KPI A 172 11.79 -15.17 -12.46
CD KPI A 172 10.75 -15.53 -13.47
CE KPI A 172 10.30 -14.29 -14.25
NZ KPI A 172 9.32 -14.66 -15.28
CX1 KPI A 172 8.83 -13.76 -16.16
C1 KPI A 172 9.68 -12.62 -16.72
CX2 KPI A 172 7.42 -13.99 -16.63
O1 KPI A 172 6.78 -14.93 -16.14
O2 KPI A 172 6.94 -13.21 -17.47
C KPI A 172 12.55 -14.88 -9.50
O KPI A 172 11.46 -14.97 -8.93
N GLN A 173 13.37 -13.85 -9.36
CA GLN A 173 13.12 -12.79 -8.39
C GLN A 173 12.69 -11.54 -9.16
N THR A 174 11.38 -11.42 -9.35
CA THR A 174 10.81 -10.22 -9.96
C THR A 174 10.45 -9.21 -8.88
N SER A 175 11.50 -8.61 -8.33
CA SER A 175 11.42 -7.60 -7.30
C SER A 175 12.52 -6.56 -7.58
N GLY A 176 12.20 -5.30 -7.37
CA GLY A 176 13.18 -4.23 -7.47
C GLY A 176 13.95 -3.96 -6.20
N ASP A 177 13.78 -4.82 -5.18
CA ASP A 177 14.47 -4.66 -3.91
C ASP A 177 15.85 -5.33 -3.98
N LEU A 178 16.86 -4.55 -4.33
CA LEU A 178 18.19 -5.10 -4.52
C LEU A 178 18.97 -5.33 -3.23
N TYR A 179 18.46 -4.86 -2.09
CA TYR A 179 18.97 -5.29 -0.78
C TYR A 179 18.61 -6.75 -0.60
N GLN A 180 17.34 -7.07 -0.82
CA GLN A 180 16.89 -8.46 -0.72
C GLN A 180 17.62 -9.37 -1.71
N MET A 181 17.86 -8.88 -2.92
CA MET A 181 18.65 -9.63 -3.92
C MET A 181 20.01 -10.00 -3.34
N GLU A 182 20.71 -9.03 -2.75
CA GLU A 182 22.01 -9.29 -2.15
C GLU A 182 21.90 -10.28 -0.99
N GLN A 183 20.93 -10.06 -0.12
CA GLN A 183 20.69 -10.95 1.03
C GLN A 183 20.46 -12.39 0.60
N ILE A 184 19.73 -12.58 -0.50
CA ILE A 184 19.45 -13.94 -1.00
C ILE A 184 20.73 -14.59 -1.49
N ARG A 185 21.55 -13.85 -2.24
CA ARG A 185 22.84 -14.36 -2.69
C ARG A 185 23.75 -14.73 -1.50
N ARG A 186 23.82 -13.86 -0.51
CA ARG A 186 24.63 -14.08 0.70
C ARG A 186 24.21 -15.34 1.45
N GLU A 187 22.91 -15.53 1.61
CA GLU A 187 22.39 -16.73 2.27
C GLU A 187 22.58 -18.01 1.44
N HIS A 188 22.43 -17.90 0.13
CA HIS A 188 22.45 -19.05 -0.79
C HIS A 188 23.50 -18.84 -1.91
N PRO A 189 24.78 -19.10 -1.58
CA PRO A 189 25.85 -18.85 -2.53
C PRO A 189 25.75 -19.59 -3.86
N ASP A 190 25.10 -20.75 -3.89
CA ASP A 190 25.05 -21.59 -5.09
C ASP A 190 23.69 -21.54 -5.77
N LEU A 191 22.79 -20.72 -5.28
CA LEU A 191 21.43 -20.64 -5.83
C LEU A 191 21.46 -19.94 -7.17
N VAL A 192 20.72 -20.50 -8.13
CA VAL A 192 20.51 -19.83 -9.41
C VAL A 192 19.47 -18.74 -9.16
N LEU A 193 19.83 -17.50 -9.49
CA LEU A 193 19.04 -16.35 -9.06
C LEU A 193 18.82 -15.47 -10.27
N TYR A 194 17.60 -15.50 -10.78
CA TYR A 194 17.26 -14.77 -11.99
C TYR A 194 16.69 -13.41 -11.65
N ASN A 195 17.32 -12.37 -12.19
CA ASN A 195 16.78 -11.04 -12.14
C ASN A 195 15.53 -10.95 -13.02
N GLY A 196 14.45 -10.42 -12.45
CA GLY A 196 13.13 -10.44 -13.09
C GLY A 196 12.67 -9.15 -13.75
N TYR A 197 13.19 -8.02 -13.27
CA TYR A 197 12.89 -6.73 -13.88
C TYR A 197 14.01 -6.32 -14.83
N ASP A 198 13.72 -6.38 -16.12
CA ASP A 198 14.69 -6.07 -17.18
C ASP A 198 15.33 -4.70 -17.02
N ASN A 199 14.57 -3.73 -16.51
CA ASN A 199 15.03 -2.34 -16.41
C ASN A 199 16.03 -2.07 -15.27
N ILE A 200 16.37 -3.10 -14.49
CA ILE A 200 17.43 -3.01 -13.48
C ILE A 200 18.44 -4.17 -13.59
N PHE A 201 18.44 -4.84 -14.74
CA PHE A 201 19.25 -6.04 -14.94
C PHE A 201 20.71 -5.89 -14.48
N ALA A 202 21.41 -4.86 -14.98
CA ALA A 202 22.81 -4.66 -14.59
C ALA A 202 23.00 -4.50 -13.08
N SER A 203 22.13 -3.72 -12.45
CA SER A 203 22.20 -3.48 -11.01
C SER A 203 21.83 -4.75 -10.21
N GLY A 204 20.91 -5.54 -10.76
CA GLY A 204 20.49 -6.80 -10.15
C GLY A 204 21.62 -7.82 -10.16
N LEU A 205 22.34 -7.91 -11.28
CA LEU A 205 23.54 -8.77 -11.35
C LEU A 205 24.60 -8.36 -10.34
N LEU A 206 24.84 -7.05 -10.24
CA LEU A 206 25.81 -6.52 -9.29
C LEU A 206 25.43 -6.87 -7.86
N ALA A 207 24.15 -6.75 -7.54
CA ALA A 207 23.63 -7.14 -6.23
C ALA A 207 23.72 -8.65 -5.94
N GLY A 208 23.77 -9.51 -6.96
CA GLY A 208 23.95 -10.95 -6.75
C GLY A 208 23.23 -11.90 -7.70
N ALA A 209 22.29 -11.39 -8.50
CA ALA A 209 21.69 -12.17 -9.56
C ALA A 209 22.79 -12.76 -10.45
N ASP A 210 22.61 -14.00 -10.91
CA ASP A 210 23.58 -14.62 -11.82
C ASP A 210 23.01 -14.92 -13.20
N GLY A 211 21.92 -14.24 -13.53
CA GLY A 211 21.29 -14.33 -14.84
C GLY A 211 19.95 -13.62 -14.74
N GLY A 212 19.08 -13.86 -15.70
CA GLY A 212 17.75 -13.25 -15.67
C GLY A 212 16.73 -13.96 -16.51
N ILE A 213 15.46 -13.66 -16.23
CA ILE A 213 14.33 -14.08 -17.06
C ILE A 213 13.52 -12.82 -17.33
N GLY A 214 13.28 -12.52 -18.60
CA GLY A 214 12.69 -11.24 -19.00
C GLY A 214 11.90 -11.23 -20.31
N SER A 215 10.88 -10.39 -20.37
CA SER A 215 10.01 -10.27 -21.56
C SER A 215 10.75 -9.62 -22.73
N THR A 216 11.54 -8.58 -22.46
CA THR A 216 12.15 -7.82 -23.55
C THR A 216 13.31 -8.57 -24.21
N TYR A 217 13.70 -9.69 -23.61
CA TYR A 217 14.75 -10.53 -24.17
C TYR A 217 14.31 -11.11 -25.52
N ASN A 218 13.00 -11.17 -25.76
CA ASN A 218 12.44 -11.59 -27.07
C ASN A 218 12.89 -10.72 -28.25
N ILE A 219 13.08 -9.42 -28.00
CA ILE A 219 13.41 -8.49 -29.10
C ILE A 219 14.84 -7.98 -29.07
N MET A 220 15.50 -8.07 -27.92
CA MET A 220 16.87 -7.56 -27.78
C MET A 220 17.69 -8.34 -26.75
N GLY A 221 17.47 -9.66 -26.70
CA GLY A 221 18.17 -10.55 -25.79
C GLY A 221 19.68 -10.40 -25.79
N TRP A 222 20.26 -10.08 -26.95
CA TRP A 222 21.71 -9.92 -27.07
C TRP A 222 22.28 -8.81 -26.18
N ARG A 223 21.49 -7.78 -25.90
CA ARG A 223 21.96 -6.67 -25.03
C ARG A 223 22.19 -7.16 -23.61
N TYR A 224 21.30 -8.02 -23.11
CA TYR A 224 21.41 -8.56 -21.77
C TYR A 224 22.58 -9.53 -21.64
N GLN A 225 22.71 -10.34 -22.69
CA GLN A 225 23.95 -11.05 -22.79
C GLN A 225 25.41 -10.26 -22.68
N GLY A 226 25.25 -9.18 -23.47
CA GLY A 226 26.33 -8.19 -23.51
C GLY A 226 26.60 -7.56 -22.15
N ILE A 227 25.55 -7.38 -21.34
CA ILE A 227 25.71 -6.82 -19.99
C ILE A 227 26.43 -7.82 -19.10
N VAL A 228 26.01 -9.08 -19.14
CA VAL A 228 26.67 -10.13 -18.40
C VAL A 228 28.17 -10.21 -18.71
N LYS A 229 28.52 -10.14 -19.99
CA LYS A 229 29.91 -10.22 -20.44
C LYS A 229 30.69 -8.99 -19.96
N ALA A 230 30.13 -7.81 -20.22
CA ALA A 230 30.76 -6.54 -19.84
C ALA A 230 31.09 -6.51 -18.34
N LEU A 231 30.16 -6.96 -17.49
CA LEU A 231 30.40 -7.02 -16.06
C LEU A 231 31.44 -8.08 -15.69
N LYS A 232 31.38 -9.23 -16.34
CA LYS A 232 32.35 -10.29 -16.11
C LYS A 232 33.78 -9.78 -16.37
N GLU A 233 33.93 -8.93 -17.38
CA GLU A 233 35.25 -8.43 -17.79
C GLU A 233 35.60 -7.08 -17.16
N GLY A 234 34.80 -6.61 -16.21
CA GLY A 234 35.05 -5.36 -15.51
C GLY A 234 34.84 -4.10 -16.34
N ASP A 235 34.07 -4.22 -17.41
CA ASP A 235 33.80 -3.08 -18.29
C ASP A 235 32.47 -2.40 -17.93
N ILE A 236 32.52 -1.51 -16.94
CA ILE A 236 31.32 -0.91 -16.36
C ILE A 236 30.60 0.00 -17.37
N GLN A 237 31.36 0.77 -18.12
CA GLN A 237 30.78 1.74 -19.04
C GLN A 237 29.93 1.10 -20.14
N THR A 238 30.37 -0.02 -20.70
CA THR A 238 29.58 -0.72 -21.73
CA THR A 238 29.58 -0.73 -21.72
C THR A 238 28.31 -1.31 -21.10
N ALA A 239 28.44 -1.88 -19.90
CA ALA A 239 27.29 -2.41 -19.16
C ALA A 239 26.24 -1.32 -18.94
N GLN A 240 26.68 -0.14 -18.51
CA GLN A 240 25.78 0.99 -18.30
C GLN A 240 25.16 1.49 -19.61
N LYS A 241 25.96 1.53 -20.68
CA LYS A 241 25.47 1.97 -21.97
C LYS A 241 24.39 1.00 -22.47
N LEU A 242 24.66 -0.27 -22.31
CA LEU A 242 23.72 -1.31 -22.74
C LEU A 242 22.42 -1.20 -21.94
N GLN A 243 22.54 -1.08 -20.62
CA GLN A 243 21.33 -0.95 -19.77
C GLN A 243 20.53 0.31 -20.11
N THR A 244 21.24 1.40 -20.38
CA THR A 244 20.57 2.62 -20.80
C THR A 244 19.77 2.41 -22.10
N GLU A 245 20.35 1.70 -23.07
CA GLU A 245 19.64 1.45 -24.35
C GLU A 245 18.42 0.58 -24.10
N CYS A 246 18.60 -0.41 -23.24
CA CYS A 246 17.48 -1.24 -22.80
C CYS A 246 16.37 -0.40 -22.17
N ASN A 247 16.71 0.53 -21.28
CA ASN A 247 15.69 1.33 -20.61
C ASN A 247 15.01 2.33 -21.55
N LYS A 248 15.71 2.80 -22.59
CA LYS A 248 15.08 3.63 -23.61
C LYS A 248 13.95 2.85 -24.31
N VAL A 249 14.20 1.58 -24.57
CA VAL A 249 13.21 0.70 -25.18
C VAL A 249 12.09 0.41 -24.17
N ILE A 250 12.45 0.09 -22.94
CA ILE A 250 11.46 -0.22 -21.91
C ILE A 250 10.54 0.97 -21.63
N ASP A 251 11.08 2.20 -21.65
CA ASP A 251 10.25 3.40 -21.55
C ASP A 251 9.10 3.36 -22.57
N LEU A 252 9.45 3.12 -23.82
CA LEU A 252 8.47 3.04 -24.91
C LEU A 252 7.44 1.94 -24.66
N LEU A 253 7.92 0.75 -24.35
CA LEU A 253 7.06 -0.42 -24.12
C LEU A 253 6.08 -0.24 -22.97
N ILE A 254 6.52 0.41 -21.90
CA ILE A 254 5.63 0.75 -20.79
C ILE A 254 4.51 1.70 -21.23
N LYS A 255 4.86 2.66 -22.08
CA LYS A 255 3.89 3.60 -22.63
C LYS A 255 2.83 2.87 -23.47
N THR A 256 3.28 1.95 -24.31
CA THR A 256 2.42 1.23 -25.26
C THR A 256 1.68 0.06 -24.64
N GLY A 257 2.14 -0.40 -23.47
CA GLY A 257 1.76 -1.70 -22.91
C GLY A 257 2.80 -2.73 -23.35
N VAL A 258 3.42 -3.42 -22.39
CA VAL A 258 4.68 -4.13 -22.64
C VAL A 258 4.53 -5.37 -23.53
N PHE A 259 3.61 -6.28 -23.18
CA PHE A 259 3.46 -7.50 -23.99
C PHE A 259 3.01 -7.17 -25.42
N ARG A 260 1.98 -6.34 -25.57
CA ARG A 260 1.48 -6.01 -26.91
C ARG A 260 2.49 -5.16 -27.70
N GLY A 261 3.26 -4.33 -27.01
CA GLY A 261 4.35 -3.61 -27.67
C GLY A 261 5.45 -4.52 -28.19
N LEU A 262 5.85 -5.49 -27.37
CA LEU A 262 6.82 -6.49 -27.79
C LEU A 262 6.29 -7.32 -28.97
N LYS A 263 5.03 -7.73 -28.91
CA LYS A 263 4.45 -8.51 -30.01
C LYS A 263 4.41 -7.69 -31.31
N THR A 264 4.12 -6.39 -31.17
CA THR A 264 4.05 -5.49 -32.31
C THR A 264 5.42 -5.29 -32.93
N VAL A 265 6.47 -5.16 -32.11
CA VAL A 265 7.84 -5.10 -32.63
C VAL A 265 8.19 -6.40 -33.37
N LEU A 266 7.79 -7.53 -32.80
CA LEU A 266 8.03 -8.83 -33.43
C LEU A 266 7.24 -8.99 -34.74
N HIS A 267 6.10 -8.31 -34.84
CA HIS A 267 5.28 -8.33 -36.05
C HIS A 267 5.98 -7.55 -37.16
N TYR A 268 6.54 -6.39 -36.79
CA TYR A 268 7.33 -5.59 -37.74
C TYR A 268 8.67 -6.23 -38.10
N MET A 269 9.12 -7.19 -37.29
CA MET A 269 10.29 -8.01 -37.59
C MET A 269 9.93 -9.26 -38.39
N ASP A 270 8.67 -9.39 -38.81
CA ASP A 270 8.19 -10.55 -39.57
C ASP A 270 8.23 -11.89 -38.84
N VAL A 271 8.10 -11.84 -37.52
CA VAL A 271 8.15 -13.06 -36.70
C VAL A 271 6.73 -13.48 -36.26
N VAL A 272 5.97 -12.51 -35.75
CA VAL A 272 4.61 -12.75 -35.23
C VAL A 272 3.56 -12.20 -36.20
N SER A 273 2.63 -13.05 -36.65
CA SER A 273 1.65 -12.65 -37.65
C SER A 273 0.69 -11.57 -37.18
N VAL A 274 0.16 -11.75 -35.96
CA VAL A 274 -0.86 -10.86 -35.41
C VAL A 274 -0.41 -10.47 -34.00
N PRO A 275 -0.15 -9.17 -33.77
CA PRO A 275 0.48 -8.75 -32.51
C PRO A 275 -0.51 -8.51 -31.36
N LEU A 276 -1.52 -9.35 -31.24
CA LEU A 276 -2.55 -9.16 -30.23
C LEU A 276 -2.27 -9.98 -28.98
N CYS A 277 -2.61 -9.38 -27.84
CA CYS A 277 -2.72 -10.09 -26.59
C CYS A 277 -4.16 -10.53 -26.50
N ARG A 278 -4.49 -11.31 -25.48
CA ARG A 278 -5.88 -11.75 -25.30
C ARG A 278 -6.69 -10.74 -24.50
N LYS A 279 -7.96 -10.63 -24.83
CA LYS A 279 -8.89 -9.77 -24.10
C LYS A 279 -8.90 -10.22 -22.64
N PRO A 280 -8.92 -9.28 -21.68
CA PRO A 280 -9.22 -7.85 -21.85
C PRO A 280 -8.09 -6.89 -22.22
N PHE A 281 -6.89 -7.39 -22.48
CA PHE A 281 -5.90 -6.56 -23.16
C PHE A 281 -6.50 -6.04 -24.47
N GLY A 282 -6.35 -4.75 -24.72
CA GLY A 282 -6.77 -4.16 -25.99
C GLY A 282 -5.58 -4.07 -26.92
N PRO A 283 -5.82 -3.60 -28.15
CA PRO A 283 -4.73 -3.45 -29.10
C PRO A 283 -3.87 -2.25 -28.74
N VAL A 284 -2.69 -2.17 -29.37
CA VAL A 284 -1.83 -1.00 -29.25
C VAL A 284 -2.54 0.22 -29.82
N ASP A 285 -2.47 1.35 -29.11
CA ASP A 285 -3.01 2.61 -29.62
C ASP A 285 -2.28 2.91 -30.92
N GLU A 286 -3.03 3.22 -31.97
CA GLU A 286 -2.46 3.38 -33.30
C GLU A 286 -1.46 4.54 -33.37
N LYS A 287 -1.64 5.54 -32.51
CA LYS A 287 -0.68 6.65 -32.43
C LYS A 287 0.74 6.21 -32.07
N TYR A 288 0.88 5.02 -31.46
CA TYR A 288 2.20 4.51 -31.10
C TYR A 288 2.87 3.61 -32.15
N LEU A 289 2.15 3.22 -33.20
CA LEU A 289 2.69 2.27 -34.18
C LEU A 289 3.93 2.76 -34.91
N PRO A 290 3.97 4.04 -35.29
CA PRO A 290 5.20 4.57 -35.89
C PRO A 290 6.47 4.35 -35.03
N GLU A 291 6.37 4.65 -33.74
CA GLU A 291 7.47 4.44 -32.80
C GLU A 291 7.87 2.96 -32.70
N LEU A 292 6.88 2.07 -32.67
CA LEU A 292 7.16 0.64 -32.56
C LEU A 292 7.79 0.09 -33.85
N LYS A 293 7.31 0.57 -35.00
CA LYS A 293 7.90 0.18 -36.28
C LYS A 293 9.36 0.66 -36.38
N ALA A 294 9.60 1.91 -36.00
CA ALA A 294 10.95 2.46 -36.00
C ALA A 294 11.86 1.64 -35.08
N LEU A 295 11.33 1.25 -33.91
CA LEU A 295 12.10 0.44 -32.98
C LEU A 295 12.50 -0.90 -33.61
N ALA A 296 11.55 -1.54 -34.28
CA ALA A 296 11.82 -2.81 -34.94
C ALA A 296 12.92 -2.62 -35.97
N GLN A 297 12.79 -1.56 -36.77
CA GLN A 297 13.78 -1.23 -37.78
C GLN A 297 15.15 -1.00 -37.13
N GLN A 298 15.20 -0.22 -36.04
CA GLN A 298 16.47 -0.01 -35.32
C GLN A 298 17.13 -1.31 -34.88
N LEU A 299 16.34 -2.20 -34.28
CA LEU A 299 16.90 -3.42 -33.71
C LEU A 299 17.35 -4.41 -34.79
N MET A 300 16.60 -4.49 -35.89
CA MET A 300 16.99 -5.32 -37.03
C MET A 300 18.33 -4.84 -37.59
N GLN A 301 18.45 -3.53 -37.77
CA GLN A 301 19.70 -2.90 -38.21
C GLN A 301 20.84 -3.20 -37.24
N GLU A 302 20.55 -3.14 -35.95
CA GLU A 302 21.57 -3.37 -34.90
C GLU A 302 22.04 -4.83 -34.87
N ARG A 303 21.15 -5.76 -35.18
CA ARG A 303 21.48 -7.19 -35.13
C ARG A 303 21.91 -7.78 -36.48
N GLY A 304 21.66 -7.04 -37.56
CA GLY A 304 22.07 -7.46 -38.89
C GLY A 304 21.15 -8.53 -39.47
N HIS B 6 -12.59 3.50 32.17
CA HIS B 6 -13.39 4.07 31.05
C HIS B 6 -14.68 4.73 31.53
N HIS B 7 -15.36 4.09 32.48
CA HIS B 7 -16.62 4.60 33.05
C HIS B 7 -16.46 5.98 33.68
N HIS B 8 -15.31 6.22 34.31
CA HIS B 8 -15.03 7.49 34.98
C HIS B 8 -14.89 8.66 34.00
N ALA B 9 -14.42 8.37 32.79
CA ALA B 9 -14.28 9.40 31.74
C ALA B 9 -15.55 9.62 30.90
N THR B 10 -16.64 8.95 31.27
CA THR B 10 -17.93 9.05 30.56
C THR B 10 -18.36 10.48 30.22
N ASN B 11 -18.00 11.45 31.07
CA ASN B 11 -18.33 12.86 30.82
C ASN B 11 -17.68 13.47 29.55
N LEU B 12 -16.76 12.73 28.93
CA LEU B 12 -16.15 13.14 27.67
C LEU B 12 -16.97 12.76 26.42
N ARG B 13 -17.98 11.92 26.61
CA ARG B 13 -18.80 11.46 25.49
C ARG B 13 -19.50 12.64 24.82
N GLY B 14 -19.60 12.59 23.49
CA GLY B 14 -20.36 13.58 22.74
C GLY B 14 -19.77 13.98 21.41
N VAL B 15 -20.26 15.10 20.88
CA VAL B 15 -19.90 15.58 19.55
C VAL B 15 -19.03 16.82 19.70
N MET B 16 -17.72 16.68 19.43
CA MET B 16 -16.74 17.74 19.66
CA MET B 16 -16.73 17.73 19.66
C MET B 16 -16.13 18.19 18.34
N ALA B 17 -16.14 19.50 18.09
CA ALA B 17 -15.56 20.04 16.86
C ALA B 17 -14.03 20.06 16.94
N ALA B 18 -13.36 19.66 15.86
CA ALA B 18 -11.91 19.80 15.74
C ALA B 18 -11.61 21.21 15.24
N LEU B 19 -11.18 22.03 16.19
CA LEU B 19 -11.09 23.47 16.00
C LEU B 19 -10.01 23.83 14.98
N LEU B 20 -10.36 24.70 14.05
CA LEU B 20 -9.41 25.22 13.09
C LEU B 20 -8.62 26.32 13.76
N THR B 21 -7.40 26.54 13.29
CA THR B 21 -6.54 27.62 13.78
C THR B 21 -6.48 28.72 12.73
N PRO B 22 -7.20 29.83 12.98
CA PRO B 22 -7.12 30.93 12.03
C PRO B 22 -5.76 31.59 12.01
N PHE B 23 -5.34 32.04 10.84
CA PHE B 23 -4.12 32.81 10.68
C PHE B 23 -4.46 34.13 10.03
N ASP B 24 -3.58 35.12 10.22
CA ASP B 24 -3.77 36.43 9.60
C ASP B 24 -3.05 36.48 8.24
N GLN B 25 -3.04 37.66 7.61
CA GLN B 25 -2.46 37.80 6.29
C GLN B 25 -0.96 37.48 6.26
N GLN B 26 -0.27 37.66 7.39
CA GLN B 26 1.16 37.34 7.49
C GLN B 26 1.42 35.91 8.00
N GLN B 27 0.35 35.12 8.13
CA GLN B 27 0.41 33.70 8.55
C GLN B 27 0.76 33.52 10.04
N ALA B 28 0.61 34.58 10.83
CA ALA B 28 0.68 34.51 12.29
C ALA B 28 -0.70 34.11 12.81
N LEU B 29 -0.77 33.67 14.06
CA LEU B 29 -2.04 33.38 14.73
C LEU B 29 -2.98 34.58 14.75
N ASP B 30 -4.21 34.39 14.26
CA ASP B 30 -5.25 35.44 14.30
C ASP B 30 -6.12 35.21 15.55
N LYS B 31 -5.74 35.88 16.64
CA LYS B 31 -6.37 35.62 17.94
C LYS B 31 -7.83 36.08 18.01
N ALA B 32 -8.16 37.17 17.33
CA ALA B 32 -9.54 37.65 17.28
C ALA B 32 -10.49 36.64 16.61
N SER B 33 -10.06 36.11 15.46
CA SER B 33 -10.85 35.12 14.73
C SER B 33 -10.95 33.80 15.49
N LEU B 34 -9.87 33.43 16.19
CA LEU B 34 -9.90 32.27 17.08
C LEU B 34 -10.98 32.41 18.13
N ARG B 35 -11.05 33.58 18.77
CA ARG B 35 -12.09 33.79 19.79
C ARG B 35 -13.48 33.70 19.18
N ARG B 36 -13.69 34.28 17.99
CA ARG B 36 -14.99 34.24 17.33
CA ARG B 36 -14.99 34.24 17.33
C ARG B 36 -15.41 32.80 16.99
N LEU B 37 -14.46 32.01 16.52
CA LEU B 37 -14.73 30.61 16.18
C LEU B 37 -15.10 29.76 17.38
N VAL B 38 -14.43 30.00 18.52
CA VAL B 38 -14.77 29.29 19.75
C VAL B 38 -16.23 29.57 20.14
N GLN B 39 -16.61 30.84 20.20
CA GLN B 39 -17.99 31.22 20.53
C GLN B 39 -19.00 30.73 19.48
N PHE B 40 -18.62 30.84 18.19
CA PHE B 40 -19.47 30.36 17.09
C PHE B 40 -19.82 28.90 17.30
N ASN B 41 -18.81 28.09 17.64
CA ASN B 41 -19.01 26.69 17.99
C ASN B 41 -19.90 26.48 19.21
N ILE B 42 -19.67 27.26 20.27
CA ILE B 42 -20.44 27.14 21.53
C ILE B 42 -21.93 27.36 21.27
N GLN B 43 -22.25 28.31 20.38
CA GLN B 43 -23.63 28.65 20.03
C GLN B 43 -24.37 27.55 19.26
N GLN B 44 -23.63 26.74 18.50
CA GLN B 44 -24.23 25.62 17.77
C GLN B 44 -24.68 24.49 18.69
N GLY B 45 -24.39 24.59 19.98
CA GLY B 45 -24.71 23.53 20.92
C GLY B 45 -23.71 22.40 20.84
N ILE B 46 -22.49 22.70 20.39
CA ILE B 46 -21.41 21.73 20.32
C ILE B 46 -21.07 21.26 21.74
N ASP B 47 -20.80 19.96 21.92
CA ASP B 47 -20.51 19.42 23.25
C ASP B 47 -19.13 19.83 23.78
N GLY B 48 -18.22 20.17 22.87
CA GLY B 48 -16.89 20.56 23.25
C GLY B 48 -16.02 20.84 22.05
N LEU B 49 -14.74 21.12 22.33
CA LEU B 49 -13.75 21.42 21.30
C LEU B 49 -12.50 20.57 21.46
N TYR B 50 -11.96 20.12 20.33
CA TYR B 50 -10.71 19.39 20.24
C TYR B 50 -9.70 20.35 19.60
N VAL B 51 -8.72 20.80 20.38
CA VAL B 51 -7.92 21.97 20.02
C VAL B 51 -6.49 21.56 19.66
N GLY B 52 -5.94 22.20 18.62
CA GLY B 52 -4.58 21.93 18.16
C GLY B 52 -4.39 20.55 17.59
N GLY B 53 -5.43 20.01 16.94
CA GLY B 53 -5.35 18.68 16.34
C GLY B 53 -4.80 18.74 14.92
N SER B 54 -4.98 17.65 14.20
CA SER B 54 -4.68 17.61 12.76
C SER B 54 -5.38 18.77 12.03
N THR B 55 -6.69 18.91 12.26
CA THR B 55 -7.52 19.98 11.68
C THR B 55 -7.04 21.36 12.09
N GLY B 56 -6.52 21.46 13.30
CA GLY B 56 -5.97 22.71 13.81
C GLY B 56 -4.59 23.06 13.28
N GLU B 57 -4.10 22.31 12.31
CA GLU B 57 -2.79 22.58 11.69
C GLU B 57 -1.64 22.56 12.70
N ALA B 58 -1.73 21.64 13.66
CA ALA B 58 -0.71 21.49 14.71
C ALA B 58 0.69 21.40 14.16
N PHE B 59 0.86 20.68 13.07
CA PHE B 59 2.19 20.24 12.64
C PHE B 59 2.90 21.30 11.75
N VAL B 60 2.25 22.45 11.58
CA VAL B 60 2.92 23.62 10.98
C VAL B 60 2.98 24.80 11.96
N GLN B 61 2.81 24.50 13.25
CA GLN B 61 2.97 25.45 14.35
C GLN B 61 4.06 25.04 15.33
N SER B 62 4.62 26.03 16.03
CA SER B 62 5.59 25.79 17.10
C SER B 62 4.85 25.39 18.37
N LEU B 63 5.57 24.87 19.36
CA LEU B 63 4.98 24.58 20.67
C LEU B 63 4.43 25.84 21.31
N SER B 64 5.16 26.95 21.21
CA SER B 64 4.68 28.22 21.75
C SER B 64 3.36 28.66 21.11
N GLU B 65 3.24 28.51 19.80
CA GLU B 65 1.99 28.89 19.09
C GLU B 65 0.83 27.98 19.49
N ARG B 66 1.11 26.69 19.58
CA ARG B 66 0.11 25.73 20.05
C ARG B 66 -0.34 26.06 21.47
N GLU B 67 0.58 26.50 22.33
CA GLU B 67 0.23 26.88 23.71
C GLU B 67 -0.65 28.13 23.75
N GLN B 68 -0.33 29.10 22.90
CA GLN B 68 -1.09 30.33 22.85
C GLN B 68 -2.54 30.06 22.47
N VAL B 69 -2.74 29.12 21.55
CA VAL B 69 -4.07 28.73 21.13
C VAL B 69 -4.81 28.01 22.25
N LEU B 70 -4.15 27.07 22.92
CA LEU B 70 -4.77 26.35 24.04
C LEU B 70 -5.25 27.33 25.09
N GLU B 71 -4.38 28.29 25.44
CA GLU B 71 -4.69 29.28 26.47
C GLU B 71 -5.92 30.12 26.14
N ILE B 72 -5.95 30.65 24.92
CA ILE B 72 -7.06 31.51 24.48
C ILE B 72 -8.37 30.73 24.46
N VAL B 73 -8.35 29.49 23.96
CA VAL B 73 -9.57 28.68 23.93
C VAL B 73 -10.09 28.44 25.35
N ALA B 74 -9.21 28.13 26.28
CA ALA B 74 -9.64 27.93 27.68
C ALA B 74 -10.22 29.21 28.28
N GLU B 75 -9.64 30.36 27.95
CA GLU B 75 -10.18 31.64 28.38
C GLU B 75 -11.61 31.80 27.93
N GLU B 76 -11.87 31.40 26.68
CA GLU B 76 -13.16 31.61 26.03
C GLU B 76 -14.21 30.57 26.43
N ALA B 77 -13.77 29.34 26.71
CA ALA B 77 -14.70 28.20 26.76
C ALA B 77 -14.69 27.39 28.05
N LYS B 78 -13.69 27.56 28.91
CA LYS B 78 -13.58 26.71 30.10
C LYS B 78 -14.86 26.84 30.94
N GLY B 79 -15.41 25.71 31.36
CA GLY B 79 -16.65 25.67 32.14
C GLY B 79 -17.95 25.65 31.34
N LYS B 80 -17.89 26.09 30.08
CA LYS B 80 -19.08 26.19 29.22
C LYS B 80 -19.27 24.92 28.37
N ILE B 81 -18.17 24.42 27.83
CA ILE B 81 -18.16 23.16 27.07
C ILE B 81 -16.91 22.36 27.46
N LYS B 82 -16.83 21.13 26.97
CA LYS B 82 -15.68 20.28 27.22
C LYS B 82 -14.51 20.75 26.34
N LEU B 83 -13.30 20.66 26.86
CA LEU B 83 -12.10 21.10 26.16
C LEU B 83 -11.06 19.99 26.13
N ILE B 84 -10.72 19.51 24.94
CA ILE B 84 -9.67 18.50 24.77
C ILE B 84 -8.48 19.15 24.06
N ALA B 85 -7.30 19.02 24.65
CA ALA B 85 -6.09 19.60 24.07
C ALA B 85 -5.34 18.50 23.33
N HIS B 86 -5.22 18.63 22.01
CA HIS B 86 -4.32 17.74 21.28
C HIS B 86 -2.88 18.21 21.43
N VAL B 87 -2.12 17.43 22.16
CA VAL B 87 -0.78 17.80 22.59
C VAL B 87 0.29 17.02 21.80
N GLY B 88 -0.18 16.18 20.88
CA GLY B 88 0.69 15.27 20.16
C GLY B 88 1.76 15.91 19.29
N CYS B 89 2.97 15.38 19.43
CA CYS B 89 4.11 15.69 18.56
C CYS B 89 4.80 14.38 18.25
N VAL B 90 5.75 14.41 17.32
CA VAL B 90 6.60 13.23 17.10
C VAL B 90 7.46 12.98 18.37
N SER B 91 8.06 14.04 18.89
CA SER B 91 8.83 13.98 20.13
C SER B 91 7.93 13.76 21.36
N THR B 92 8.35 12.85 22.24
CA THR B 92 7.63 12.64 23.51
C THR B 92 7.77 13.85 24.44
N ALA B 93 9.00 14.36 24.58
CA ALA B 93 9.26 15.48 25.47
C ALA B 93 8.45 16.70 25.05
N GLU B 94 8.38 16.97 23.74
CA GLU B 94 7.52 18.06 23.23
C GLU B 94 6.04 17.87 23.60
N SER B 95 5.57 16.63 23.42
CA SER B 95 4.18 16.32 23.74
C SER B 95 3.90 16.52 25.24
N GLN B 96 4.88 16.17 26.06
CA GLN B 96 4.77 16.36 27.52
C GLN B 96 4.70 17.83 27.93
N GLN B 97 5.45 18.69 27.26
CA GLN B 97 5.39 20.13 27.54
C GLN B 97 3.98 20.62 27.27
N LEU B 98 3.42 20.21 26.14
CA LEU B 98 2.07 20.65 25.76
C LEU B 98 1.01 20.09 26.72
N ALA B 99 1.15 18.84 27.16
CA ALA B 99 0.27 18.26 28.19
C ALA B 99 0.30 19.07 29.48
N ALA B 100 1.51 19.40 29.95
CA ALA B 100 1.67 20.23 31.15
C ALA B 100 0.96 21.57 30.97
N SER B 101 1.08 22.16 29.79
CA SER B 101 0.41 23.42 29.49
C SER B 101 -1.11 23.28 29.48
N ALA B 102 -1.61 22.19 28.90
CA ALA B 102 -3.06 21.95 28.90
C ALA B 102 -3.59 21.80 30.32
N LYS B 103 -2.80 21.17 31.19
CA LYS B 103 -3.16 21.05 32.60
C LYS B 103 -3.23 22.45 33.26
N ARG B 104 -2.21 23.27 33.02
CA ARG B 104 -2.17 24.64 33.56
C ARG B 104 -3.38 25.48 33.15
N TYR B 105 -3.85 25.30 31.91
CA TYR B 105 -4.97 26.11 31.40
C TYR B 105 -6.36 25.58 31.78
N GLY B 106 -6.41 24.43 32.45
CA GLY B 106 -7.68 23.86 32.89
C GLY B 106 -8.47 23.14 31.83
N PHE B 107 -7.78 22.47 30.91
CA PHE B 107 -8.46 21.60 29.95
C PHE B 107 -9.03 20.39 30.67
N ASP B 108 -10.03 19.78 30.04
CA ASP B 108 -10.68 18.58 30.59
C ASP B 108 -9.93 17.29 30.25
N ALA B 109 -9.17 17.31 29.15
CA ALA B 109 -8.50 16.11 28.66
C ALA B 109 -7.38 16.51 27.71
N VAL B 110 -6.46 15.57 27.49
CA VAL B 110 -5.41 15.71 26.50
C VAL B 110 -5.56 14.58 25.46
N SER B 111 -4.89 14.72 24.32
CA SER B 111 -4.96 13.76 23.24
C SER B 111 -3.64 13.76 22.51
N ALA B 112 -3.25 12.63 21.95
CA ALA B 112 -2.04 12.58 21.12
C ALA B 112 -2.14 11.61 19.96
N VAL B 113 -1.72 12.09 18.80
CA VAL B 113 -1.66 11.30 17.59
C VAL B 113 -0.54 10.30 17.82
N THR B 114 -0.69 9.11 17.27
CA THR B 114 0.43 8.17 17.26
C THR B 114 1.60 8.87 16.58
N PRO B 115 2.76 8.94 17.25
CA PRO B 115 3.86 9.71 16.68
C PRO B 115 4.30 9.12 15.33
N PHE B 116 4.58 10.00 14.39
CA PHE B 116 4.71 9.62 12.99
C PHE B 116 6.13 9.87 12.42
N TYR B 117 6.26 9.65 11.11
CA TYR B 117 7.51 9.82 10.33
C TYR B 117 8.49 8.68 10.58
N TYR B 118 9.10 8.64 11.76
CA TYR B 118 10.03 7.56 12.11
C TYR B 118 9.23 6.35 12.57
N PRO B 119 9.57 5.16 12.10
CA PRO B 119 8.88 3.99 12.62
C PRO B 119 9.27 3.73 14.08
N PHE B 120 8.27 3.49 14.92
CA PHE B 120 8.50 3.19 16.32
C PHE B 120 7.83 1.86 16.62
N SER B 121 8.41 1.10 17.53
CA SER B 121 7.85 -0.20 17.92
C SER B 121 6.56 0.05 18.70
N PHE B 122 5.74 -0.99 18.83
CA PHE B 122 4.54 -0.83 19.63
C PHE B 122 4.86 -0.46 21.08
N GLU B 123 5.89 -1.06 21.66
CA GLU B 123 6.24 -0.74 23.05
C GLU B 123 6.63 0.73 23.18
N GLU B 124 7.29 1.24 22.14
CA GLU B 124 7.67 2.65 22.12
C GLU B 124 6.44 3.57 22.07
N HIS B 125 5.43 3.20 21.27
CA HIS B 125 4.16 3.93 21.28
C HIS B 125 3.52 3.91 22.66
N CYS B 126 3.52 2.75 23.32
CA CYS B 126 2.92 2.67 24.66
C CYS B 126 3.62 3.59 25.66
N ASP B 127 4.95 3.57 25.64
CA ASP B 127 5.71 4.39 26.58
C ASP B 127 5.46 5.88 26.34
N HIS B 128 5.33 6.26 25.06
CA HIS B 128 5.01 7.61 24.63
C HIS B 128 3.70 8.07 25.29
N TYR B 129 2.65 7.26 25.16
CA TYR B 129 1.37 7.59 25.80
C TYR B 129 1.50 7.62 27.33
N ARG B 130 2.18 6.65 27.91
CA ARG B 130 2.41 6.65 29.38
C ARG B 130 3.05 7.95 29.90
N ALA B 131 4.08 8.42 29.18
CA ALA B 131 4.78 9.65 29.55
C ALA B 131 3.90 10.90 29.44
N ILE B 132 3.12 10.99 28.37
CA ILE B 132 2.23 12.13 28.17
C ILE B 132 1.14 12.15 29.23
N ILE B 133 0.63 10.96 29.55
CA ILE B 133 -0.36 10.79 30.62
C ILE B 133 0.17 11.29 31.95
N ASP B 134 1.41 10.95 32.28
CA ASP B 134 2.01 11.43 33.53
C ASP B 134 2.09 12.96 33.57
N SER B 135 2.56 13.54 32.48
CA SER B 135 2.68 15.00 32.40
C SER B 135 1.31 15.72 32.44
N ALA B 136 0.26 15.07 31.92
CA ALA B 136 -1.12 15.60 32.02
C ALA B 136 -1.66 15.61 33.46
N ASP B 137 -0.99 14.89 34.36
CA ASP B 137 -1.23 14.93 35.81
C ASP B 137 -2.69 14.95 36.23
N GLY B 138 -3.47 13.99 35.72
CA GLY B 138 -4.87 13.83 36.11
C GLY B 138 -5.88 14.01 34.99
N LEU B 139 -5.49 14.71 33.92
CA LEU B 139 -6.38 14.85 32.77
C LEU B 139 -6.36 13.54 31.99
N PRO B 140 -7.54 13.00 31.66
CA PRO B 140 -7.56 11.75 30.89
C PRO B 140 -7.05 11.92 29.46
N MET B 141 -6.48 10.86 28.92
CA MET B 141 -5.87 10.85 27.60
C MET B 141 -6.86 10.32 26.56
N VAL B 142 -6.93 10.98 25.41
CA VAL B 142 -7.68 10.53 24.24
C VAL B 142 -6.66 10.03 23.21
N VAL B 143 -6.53 8.72 23.08
CA VAL B 143 -5.64 8.14 22.06
C VAL B 143 -6.19 8.52 20.68
N PHE B 144 -5.31 8.94 19.76
CA PHE B 144 -5.73 9.44 18.44
C PHE B 144 -5.09 8.59 17.33
N ASN B 145 -5.94 7.82 16.64
CA ASN B 145 -5.53 6.84 15.64
C ASN B 145 -5.98 7.35 14.28
N ILE B 146 -5.02 7.61 13.39
CA ILE B 146 -5.32 8.18 12.08
C ILE B 146 -4.33 7.60 11.05
N PRO B 147 -4.47 6.31 10.77
CA PRO B 147 -3.51 5.56 9.94
C PRO B 147 -3.25 6.18 8.57
N ALA B 148 -4.27 6.82 7.99
CA ALA B 148 -4.15 7.35 6.64
C ALA B 148 -3.10 8.45 6.54
N LEU B 149 -2.86 9.17 7.64
CA LEU B 149 -1.89 10.24 7.68
C LEU B 149 -0.64 9.88 8.48
N SER B 150 -0.82 9.17 9.59
CA SER B 150 0.29 8.82 10.49
C SER B 150 1.26 7.77 9.91
N GLY B 151 0.74 6.90 9.05
CA GLY B 151 1.47 5.71 8.61
C GLY B 151 1.54 4.61 9.64
N VAL B 152 0.87 4.81 10.78
CA VAL B 152 0.94 3.87 11.88
C VAL B 152 -0.29 2.97 11.80
N LYS B 153 -0.03 1.68 11.57
CA LYS B 153 -1.07 0.67 11.37
C LYS B 153 -1.09 -0.32 12.54
N LEU B 154 -1.86 0.04 13.56
CA LEU B 154 -1.98 -0.75 14.77
C LEU B 154 -2.97 -1.89 14.56
N THR B 155 -2.67 -3.05 15.14
CA THR B 155 -3.62 -4.17 15.14
C THR B 155 -4.72 -3.91 16.19
N LEU B 156 -5.83 -4.65 16.11
CA LEU B 156 -6.87 -4.54 17.13
C LEU B 156 -6.30 -4.80 18.53
N ASP B 157 -5.46 -5.82 18.66
CA ASP B 157 -4.84 -6.15 19.95
C ASP B 157 -4.00 -5.00 20.46
N GLN B 158 -3.28 -4.33 19.56
CA GLN B 158 -2.47 -3.17 19.92
C GLN B 158 -3.35 -2.02 20.41
N ILE B 159 -4.42 -1.73 19.67
CA ILE B 159 -5.39 -0.71 20.07
C ILE B 159 -5.97 -1.01 21.46
N ASN B 160 -6.32 -2.28 21.69
CA ASN B 160 -6.86 -2.72 22.98
C ASN B 160 -5.91 -2.43 24.15
N THR B 161 -4.63 -2.70 23.94
CA THR B 161 -3.62 -2.40 24.94
C THR B 161 -3.52 -0.90 25.20
N LEU B 162 -3.45 -0.09 24.13
CA LEU B 162 -3.36 1.37 24.29
C LEU B 162 -4.53 1.96 25.05
N VAL B 163 -5.76 1.60 24.67
CA VAL B 163 -6.93 2.22 25.26
C VAL B 163 -7.21 1.73 26.68
N THR B 164 -6.47 0.72 27.14
CA THR B 164 -6.56 0.29 28.54
C THR B 164 -5.35 0.67 29.41
N LEU B 165 -4.42 1.46 28.86
CA LEU B 165 -3.36 2.04 29.69
C LEU B 165 -4.00 2.88 30.80
N PRO B 166 -3.40 2.88 32.01
CA PRO B 166 -3.92 3.74 33.08
C PRO B 166 -3.98 5.21 32.63
N GLY B 167 -5.14 5.85 32.79
CA GLY B 167 -5.33 7.26 32.43
C GLY B 167 -5.97 7.50 31.06
N VAL B 168 -6.05 6.46 30.22
CA VAL B 168 -6.73 6.61 28.93
C VAL B 168 -8.24 6.52 29.13
N GLY B 169 -8.95 7.56 28.70
CA GLY B 169 -10.39 7.64 28.83
C GLY B 169 -11.16 7.66 27.54
N ALA B 170 -10.47 7.70 26.39
CA ALA B 170 -11.14 7.71 25.10
C ALA B 170 -10.23 7.34 23.94
N LEU B 171 -10.87 6.96 22.83
CA LEU B 171 -10.20 6.74 21.54
C LEU B 171 -10.83 7.63 20.47
N KPI B 172 -10.02 8.46 19.83
CA KPI B 172 -10.44 9.16 18.62
CB KPI B 172 -9.79 10.53 18.49
CG KPI B 172 -10.24 11.27 17.23
CD KPI B 172 -9.67 12.67 17.11
CE KPI B 172 -10.00 13.24 15.75
NZ KPI B 172 -9.21 14.44 15.48
CX1 KPI B 172 -9.43 15.28 14.47
C1 KPI B 172 -10.71 15.33 13.65
CX2 KPI B 172 -8.30 16.26 14.21
O1 KPI B 172 -7.28 16.17 14.93
O2 KPI B 172 -8.44 17.11 13.30
C KPI B 172 -10.04 8.27 17.47
O KPI B 172 -8.84 8.11 17.19
N GLN B 173 -11.04 7.70 16.80
CA GLN B 173 -10.80 6.66 15.80
C GLN B 173 -11.06 7.24 14.42
N THR B 174 -10.03 7.80 13.80
CA THR B 174 -10.14 8.25 12.42
C THR B 174 -9.75 7.11 11.47
N SER B 175 -10.69 6.19 11.31
CA SER B 175 -10.54 5.02 10.45
C SER B 175 -11.90 4.73 9.83
N GLY B 176 -11.89 4.37 8.55
CA GLY B 176 -13.10 3.98 7.83
C GLY B 176 -13.46 2.50 7.99
N ASP B 177 -12.73 1.78 8.85
CA ASP B 177 -12.95 0.35 9.05
C ASP B 177 -14.00 0.18 10.17
N LEU B 178 -15.25 0.00 9.77
CA LEU B 178 -16.33 -0.09 10.74
C LEU B 178 -16.52 -1.50 11.31
N TYR B 179 -15.75 -2.49 10.81
CA TYR B 179 -15.63 -3.76 11.51
C TYR B 179 -14.80 -3.54 12.77
N GLN B 180 -13.65 -2.90 12.61
CA GLN B 180 -12.81 -2.57 13.75
C GLN B 180 -13.52 -1.65 14.77
N MET B 181 -14.33 -0.71 14.28
CA MET B 181 -15.11 0.13 15.21
C MET B 181 -15.98 -0.74 16.11
N GLU B 182 -16.69 -1.71 15.52
CA GLU B 182 -17.54 -2.61 16.30
C GLU B 182 -16.73 -3.47 17.27
N GLN B 183 -15.57 -3.96 16.82
CA GLN B 183 -14.73 -4.83 17.67
C GLN B 183 -14.22 -4.07 18.89
N ILE B 184 -13.89 -2.80 18.70
CA ILE B 184 -13.44 -1.94 19.79
C ILE B 184 -14.57 -1.78 20.81
N ARG B 185 -15.76 -1.49 20.32
CA ARG B 185 -16.93 -1.30 21.19
C ARG B 185 -17.26 -2.59 21.95
N ARG B 186 -17.15 -3.73 21.28
CA ARG B 186 -17.45 -5.02 21.90
C ARG B 186 -16.43 -5.35 23.00
N GLU B 187 -15.16 -5.04 22.75
CA GLU B 187 -14.12 -5.28 23.77
C GLU B 187 -14.22 -4.29 24.94
N HIS B 188 -14.63 -3.05 24.66
CA HIS B 188 -14.65 -1.96 25.66
C HIS B 188 -16.02 -1.29 25.72
N PRO B 189 -16.98 -1.93 26.40
CA PRO B 189 -18.35 -1.41 26.43
C PRO B 189 -18.49 0.01 26.97
N ASP B 190 -17.58 0.43 27.85
CA ASP B 190 -17.66 1.76 28.47
C ASP B 190 -16.75 2.83 27.85
N LEU B 191 -15.92 2.43 26.89
CA LEU B 191 -14.94 3.35 26.28
C LEU B 191 -15.63 4.45 25.47
N VAL B 192 -15.21 5.69 25.69
CA VAL B 192 -15.68 6.80 24.87
C VAL B 192 -14.95 6.64 23.53
N LEU B 193 -15.75 6.58 22.48
CA LEU B 193 -15.27 6.16 21.15
C LEU B 193 -15.73 7.18 20.09
N TYR B 194 -14.80 8.03 19.66
CA TYR B 194 -15.13 9.12 18.74
C TYR B 194 -14.94 8.70 17.29
N ASN B 195 -16.02 8.78 16.52
CA ASN B 195 -15.93 8.64 15.06
C ASN B 195 -15.13 9.82 14.50
N GLY B 196 -14.11 9.52 13.70
CA GLY B 196 -13.19 10.54 13.21
C GLY B 196 -13.40 10.98 11.77
N TYR B 197 -14.03 10.14 10.94
CA TYR B 197 -14.34 10.54 9.56
C TYR B 197 -15.79 11.00 9.47
N ASP B 198 -15.97 12.29 9.19
CA ASP B 198 -17.29 12.93 9.23
C ASP B 198 -18.24 12.34 8.18
N ASN B 199 -17.68 11.93 7.04
CA ASN B 199 -18.49 11.38 5.95
C ASN B 199 -19.03 9.97 6.16
N ILE B 200 -18.75 9.36 7.31
CA ILE B 200 -19.38 8.11 7.72
C ILE B 200 -19.97 8.17 9.13
N PHE B 201 -20.15 9.37 9.68
CA PHE B 201 -20.60 9.55 11.07
C PHE B 201 -21.77 8.63 11.46
N ALA B 202 -22.84 8.63 10.67
CA ALA B 202 -24.04 7.84 11.01
C ALA B 202 -23.70 6.34 11.09
N SER B 203 -22.96 5.86 10.11
CA SER B 203 -22.57 4.45 10.05
C SER B 203 -21.59 4.09 11.18
N GLY B 204 -20.76 5.05 11.56
CA GLY B 204 -19.82 4.90 12.67
C GLY B 204 -20.50 4.70 14.01
N LEU B 205 -21.52 5.52 14.28
CA LEU B 205 -22.31 5.40 15.50
C LEU B 205 -23.05 4.06 15.54
N LEU B 206 -23.66 3.68 14.41
CA LEU B 206 -24.35 2.40 14.32
C LEU B 206 -23.39 1.25 14.61
N ALA B 207 -22.16 1.38 14.13
CA ALA B 207 -21.11 0.39 14.37
C ALA B 207 -20.61 0.36 15.82
N GLY B 208 -20.71 1.46 16.55
CA GLY B 208 -20.32 1.46 17.95
C GLY B 208 -19.77 2.75 18.54
N ALA B 209 -19.39 3.71 17.70
CA ALA B 209 -18.98 5.01 18.21
C ALA B 209 -20.13 5.61 19.02
N ASP B 210 -19.80 6.30 20.12
CA ASP B 210 -20.81 7.00 20.89
C ASP B 210 -20.67 8.52 20.83
N GLY B 211 -19.94 8.98 19.82
CA GLY B 211 -19.79 10.39 19.56
C GLY B 211 -18.86 10.60 18.39
N GLY B 212 -18.34 11.82 18.26
CA GLY B 212 -17.39 12.11 17.18
C GLY B 212 -16.56 13.35 17.39
N ILE B 213 -15.44 13.40 16.69
CA ILE B 213 -14.61 14.60 16.61
C ILE B 213 -14.33 14.84 15.13
N GLY B 214 -14.61 16.05 14.65
CA GLY B 214 -14.55 16.31 13.22
C GLY B 214 -14.30 17.75 12.81
N SER B 215 -13.69 17.90 11.64
CA SER B 215 -13.38 19.22 11.10
C SER B 215 -14.63 19.97 10.64
N THR B 216 -15.56 19.29 9.99
CA THR B 216 -16.74 19.96 9.42
C THR B 216 -17.74 20.41 10.49
N TYR B 217 -17.58 19.94 11.73
CA TYR B 217 -18.49 20.30 12.82
C TYR B 217 -18.40 21.82 13.07
N ASN B 218 -17.29 22.44 12.65
CA ASN B 218 -17.10 23.90 12.82
C ASN B 218 -18.18 24.71 12.09
N ILE B 219 -18.69 24.19 10.96
CA ILE B 219 -19.70 24.91 10.17
C ILE B 219 -21.10 24.29 10.21
N MET B 220 -21.23 23.02 10.63
CA MET B 220 -22.54 22.36 10.68
C MET B 220 -22.65 21.29 11.78
N GLY B 221 -22.08 21.60 12.93
CA GLY B 221 -22.08 20.70 14.08
C GLY B 221 -23.45 20.23 14.54
N TRP B 222 -24.45 21.11 14.46
CA TRP B 222 -25.83 20.76 14.83
C TRP B 222 -26.37 19.58 14.02
N ARG B 223 -25.93 19.44 12.76
CA ARG B 223 -26.33 18.31 11.91
C ARG B 223 -25.91 16.97 12.49
N TYR B 224 -24.69 16.93 13.03
CA TYR B 224 -24.18 15.71 13.64
C TYR B 224 -24.88 15.41 14.95
N GLN B 225 -25.16 16.44 15.74
CA GLN B 225 -25.99 16.31 16.94
CA GLN B 225 -25.99 16.28 16.94
C GLN B 225 -27.39 15.80 16.56
N GLY B 226 -27.87 16.22 15.39
CA GLY B 226 -29.15 15.78 14.85
C GLY B 226 -29.15 14.30 14.46
N ILE B 227 -28.01 13.80 13.98
CA ILE B 227 -27.85 12.38 13.69
C ILE B 227 -27.87 11.55 14.96
N VAL B 228 -27.17 12.02 16.00
CA VAL B 228 -27.17 11.33 17.30
C VAL B 228 -28.59 11.25 17.84
N LYS B 229 -29.33 12.34 17.70
CA LYS B 229 -30.71 12.42 18.19
C LYS B 229 -31.63 11.49 17.38
N ALA B 230 -31.59 11.60 16.06
CA ALA B 230 -32.41 10.75 15.19
C ALA B 230 -32.20 9.26 15.47
N LEU B 231 -30.94 8.84 15.58
CA LEU B 231 -30.63 7.43 15.82
C LEU B 231 -31.12 6.96 17.18
N LYS B 232 -31.02 7.82 18.19
CA LYS B 232 -31.57 7.53 19.52
C LYS B 232 -33.10 7.35 19.49
N GLU B 233 -33.76 8.09 18.60
CA GLU B 233 -35.20 8.02 18.44
C GLU B 233 -35.67 6.90 17.52
N GLY B 234 -34.72 6.21 16.88
CA GLY B 234 -35.03 5.19 15.87
C GLY B 234 -35.47 5.78 14.54
N ASP B 235 -35.17 7.06 14.32
CA ASP B 235 -35.57 7.76 13.12
C ASP B 235 -34.47 7.66 12.06
N ILE B 236 -34.34 6.46 11.51
CA ILE B 236 -33.33 6.14 10.51
C ILE B 236 -33.35 7.11 9.31
N GLN B 237 -34.54 7.45 8.81
CA GLN B 237 -34.62 8.26 7.61
C GLN B 237 -34.08 9.68 7.80
N THR B 238 -34.32 10.29 8.96
CA THR B 238 -33.76 11.63 9.24
C THR B 238 -32.24 11.56 9.39
N ALA B 239 -31.76 10.55 10.10
CA ALA B 239 -30.31 10.31 10.24
C ALA B 239 -29.66 10.18 8.87
N GLN B 240 -30.22 9.33 8.02
CA GLN B 240 -29.70 9.17 6.64
C GLN B 240 -29.76 10.47 5.85
N LYS B 241 -30.85 11.23 6.00
CA LYS B 241 -30.99 12.49 5.28
C LYS B 241 -29.90 13.48 5.70
N LEU B 242 -29.64 13.56 6.99
CA LEU B 242 -28.62 14.48 7.52
C LEU B 242 -27.21 14.10 7.05
N GLN B 243 -26.88 12.82 7.16
CA GLN B 243 -25.58 12.32 6.68
C GLN B 243 -25.38 12.60 5.19
N THR B 244 -26.43 12.33 4.39
CA THR B 244 -26.40 12.68 2.98
C THR B 244 -26.10 14.15 2.76
N GLU B 245 -26.74 15.02 3.54
CA GLU B 245 -26.46 16.46 3.47
C GLU B 245 -25.02 16.81 3.87
N CYS B 246 -24.54 16.21 4.94
CA CYS B 246 -23.14 16.42 5.36
C CYS B 246 -22.18 15.99 4.22
N ASN B 247 -22.49 14.85 3.58
CA ASN B 247 -21.61 14.36 2.50
C ASN B 247 -21.64 15.23 1.24
N LYS B 248 -22.76 15.90 0.96
CA LYS B 248 -22.79 16.86 -0.14
C LYS B 248 -21.80 17.99 0.10
N VAL B 249 -21.76 18.47 1.34
CA VAL B 249 -20.79 19.48 1.74
C VAL B 249 -19.35 18.91 1.67
N ILE B 250 -19.17 17.70 2.20
CA ILE B 250 -17.84 17.06 2.21
C ILE B 250 -17.29 16.84 0.79
N ASP B 251 -18.15 16.44 -0.16
CA ASP B 251 -17.75 16.35 -1.58
C ASP B 251 -17.10 17.66 -2.04
N LEU B 252 -17.76 18.77 -1.75
CA LEU B 252 -17.27 20.09 -2.12
C LEU B 252 -15.97 20.40 -1.39
N LEU B 253 -15.93 20.18 -0.08
CA LEU B 253 -14.73 20.51 0.71
C LEU B 253 -13.50 19.67 0.29
N ILE B 254 -13.73 18.43 -0.12
CA ILE B 254 -12.64 17.62 -0.66
C ILE B 254 -12.13 18.21 -1.99
N LYS B 255 -13.02 18.76 -2.80
CA LYS B 255 -12.59 19.43 -4.03
C LYS B 255 -11.79 20.70 -3.73
N THR B 256 -12.26 21.51 -2.79
CA THR B 256 -11.62 22.80 -2.47
C THR B 256 -10.33 22.64 -1.67
N GLY B 257 -10.22 21.54 -0.94
CA GLY B 257 -9.25 21.39 0.15
C GLY B 257 -10.05 21.64 1.42
N VAL B 258 -10.02 20.67 2.33
CA VAL B 258 -10.97 20.67 3.45
C VAL B 258 -10.76 21.81 4.43
N PHE B 259 -9.56 21.93 5.02
CA PHE B 259 -9.34 22.98 6.03
C PHE B 259 -9.57 24.39 5.45
N ARG B 260 -9.00 24.65 4.27
CA ARG B 260 -9.09 25.98 3.69
C ARG B 260 -10.51 26.30 3.22
N GLY B 261 -11.22 25.30 2.72
CA GLY B 261 -12.63 25.46 2.35
C GLY B 261 -13.51 25.77 3.56
N LEU B 262 -13.26 25.04 4.65
CA LEU B 262 -13.94 25.29 5.92
C LEU B 262 -13.70 26.71 6.43
N LYS B 263 -12.45 27.13 6.40
CA LYS B 263 -12.10 28.51 6.81
C LYS B 263 -12.78 29.52 5.90
N THR B 264 -12.94 29.18 4.61
CA THR B 264 -13.55 30.10 3.66
C THR B 264 -15.05 30.24 3.93
N VAL B 265 -15.72 29.14 4.20
CA VAL B 265 -17.13 29.18 4.66
C VAL B 265 -17.28 30.03 5.94
N LEU B 266 -16.41 29.79 6.93
CA LEU B 266 -16.37 30.58 8.16
C LEU B 266 -16.05 32.06 7.93
N HIS B 267 -15.30 32.34 6.88
CA HIS B 267 -15.01 33.73 6.48
C HIS B 267 -16.29 34.41 6.02
N TYR B 268 -17.04 33.74 5.16
CA TYR B 268 -18.33 34.27 4.69
C TYR B 268 -19.43 34.31 5.78
N MET B 269 -19.19 33.65 6.91
CA MET B 269 -20.06 33.75 8.10
C MET B 269 -19.56 34.83 9.10
N ASP B 270 -18.59 35.63 8.66
CA ASP B 270 -17.99 36.71 9.46
C ASP B 270 -17.21 36.24 10.68
N VAL B 271 -16.77 34.99 10.69
CA VAL B 271 -16.06 34.45 11.86
C VAL B 271 -14.55 34.54 11.67
N VAL B 272 -14.06 34.10 10.50
CA VAL B 272 -12.62 34.06 10.21
C VAL B 272 -12.21 35.17 9.24
N SER B 273 -11.35 36.09 9.68
CA SER B 273 -10.97 37.27 8.87
C SER B 273 -10.21 36.95 7.60
N VAL B 274 -9.29 36.00 7.67
CA VAL B 274 -8.45 35.63 6.53
C VAL B 274 -8.42 34.10 6.46
N PRO B 275 -9.04 33.52 5.42
CA PRO B 275 -9.27 32.08 5.39
C PRO B 275 -8.08 31.26 4.87
N LEU B 276 -6.86 31.62 5.24
CA LEU B 276 -5.68 30.91 4.78
C LEU B 276 -5.24 29.83 5.75
N CYS B 277 -4.78 28.71 5.18
CA CYS B 277 -3.97 27.73 5.91
C CYS B 277 -2.51 28.14 5.79
N ARG B 278 -1.64 27.50 6.57
CA ARG B 278 -0.22 27.85 6.52
C ARG B 278 0.53 27.16 5.39
N LYS B 279 1.52 27.87 4.84
CA LYS B 279 2.37 27.31 3.80
C LYS B 279 3.02 26.04 4.36
N PRO B 280 3.10 24.97 3.55
CA PRO B 280 2.91 24.95 2.10
C PRO B 280 1.49 24.75 1.53
N PHE B 281 0.46 24.71 2.38
CA PHE B 281 -0.91 24.82 1.87
C PHE B 281 -1.04 26.10 1.08
N GLY B 282 -1.65 26.00 -0.09
CA GLY B 282 -1.96 27.15 -0.93
C GLY B 282 -3.38 27.66 -0.70
N PRO B 283 -3.74 28.74 -1.40
CA PRO B 283 -5.07 29.33 -1.26
C PRO B 283 -6.14 28.51 -2.00
N VAL B 284 -7.41 28.74 -1.66
CA VAL B 284 -8.50 28.10 -2.40
C VAL B 284 -8.49 28.60 -3.84
N ASP B 285 -8.78 27.70 -4.78
CA ASP B 285 -8.90 28.09 -6.19
C ASP B 285 -10.12 28.98 -6.27
N GLU B 286 -9.95 30.17 -6.86
CA GLU B 286 -11.04 31.15 -6.95
C GLU B 286 -12.30 30.62 -7.60
N LYS B 287 -12.17 29.59 -8.43
CA LYS B 287 -13.34 29.02 -9.13
C LYS B 287 -14.38 28.46 -8.15
N TYR B 288 -13.96 28.11 -6.93
CA TYR B 288 -14.86 27.52 -5.92
C TYR B 288 -15.57 28.52 -5.01
N LEU B 289 -15.20 29.79 -5.09
CA LEU B 289 -15.73 30.78 -4.14
C LEU B 289 -17.27 30.92 -4.19
N PRO B 290 -17.87 31.03 -5.39
CA PRO B 290 -19.34 31.04 -5.45
C PRO B 290 -20.02 29.90 -4.67
N GLU B 291 -19.54 28.67 -4.87
CA GLU B 291 -20.07 27.50 -4.16
C GLU B 291 -19.90 27.59 -2.64
N LEU B 292 -18.73 28.07 -2.21
CA LEU B 292 -18.43 28.20 -0.78
C LEU B 292 -19.27 29.33 -0.17
N LYS B 293 -19.45 30.41 -0.92
CA LYS B 293 -20.32 31.51 -0.48
C LYS B 293 -21.78 31.06 -0.35
N ALA B 294 -22.29 30.34 -1.35
CA ALA B 294 -23.66 29.82 -1.31
C ALA B 294 -23.86 28.86 -0.13
N LEU B 295 -22.85 28.04 0.15
CA LEU B 295 -22.92 27.12 1.29
C LEU B 295 -22.99 27.86 2.63
N ALA B 296 -22.18 28.91 2.76
CA ALA B 296 -22.22 29.77 3.95
C ALA B 296 -23.65 30.31 4.16
N GLN B 297 -24.24 30.81 3.07
CA GLN B 297 -25.60 31.37 3.14
C GLN B 297 -26.60 30.31 3.58
N GLN B 298 -26.55 29.14 2.94
CA GLN B 298 -27.43 28.03 3.26
C GLN B 298 -27.38 27.61 4.73
N LEU B 299 -26.17 27.55 5.30
CA LEU B 299 -25.98 27.07 6.67
C LEU B 299 -26.44 28.06 7.75
N MET B 300 -26.17 29.35 7.54
CA MET B 300 -26.65 30.40 8.43
CA MET B 300 -26.65 30.39 8.44
C MET B 300 -28.19 30.46 8.45
N GLN B 301 -28.79 30.25 7.28
CA GLN B 301 -30.24 30.21 7.16
C GLN B 301 -30.79 29.00 7.90
N GLU B 302 -30.12 27.87 7.75
CA GLU B 302 -30.54 26.62 8.39
C GLU B 302 -30.43 26.68 9.92
N ARG B 303 -29.43 27.39 10.44
CA ARG B 303 -29.28 27.54 11.89
C ARG B 303 -30.28 28.55 12.43
N HIS C 6 22.86 22.36 -13.97
CA HIS C 6 23.35 21.42 -12.92
C HIS C 6 24.87 21.37 -12.83
N HIS C 7 25.54 21.91 -13.85
CA HIS C 7 27.00 21.88 -13.94
C HIS C 7 27.69 22.67 -12.81
N HIS C 8 27.13 23.82 -12.44
CA HIS C 8 27.72 24.68 -11.40
C HIS C 8 27.91 23.93 -10.06
N ALA C 9 26.90 23.14 -9.68
CA ALA C 9 26.89 22.46 -8.38
C ALA C 9 27.71 21.16 -8.33
N THR C 10 28.43 20.84 -9.39
CA THR C 10 29.18 19.57 -9.48
C THR C 10 30.20 19.33 -8.35
N ASN C 11 30.68 20.39 -7.70
CA ASN C 11 31.57 20.22 -6.53
C ASN C 11 30.86 19.63 -5.30
N LEU C 12 29.55 19.47 -5.38
CA LEU C 12 28.77 18.75 -4.36
C LEU C 12 28.76 17.23 -4.55
N ARG C 13 29.32 16.74 -5.65
CA ARG C 13 29.37 15.31 -5.90
C ARG C 13 30.23 14.63 -4.84
N GLY C 14 29.80 13.45 -4.38
CA GLY C 14 30.60 12.65 -3.48
C GLY C 14 29.84 11.84 -2.44
N VAL C 15 30.57 11.42 -1.42
CA VAL C 15 30.09 10.50 -0.39
C VAL C 15 30.05 11.26 0.94
N MET C 16 28.85 11.55 1.42
CA MET C 16 28.61 12.46 2.55
CA MET C 16 28.68 12.42 2.57
C MET C 16 27.87 11.73 3.67
N ALA C 17 28.40 11.74 4.88
CA ALA C 17 27.70 11.11 6.00
C ALA C 17 26.50 11.94 6.40
N ALA C 18 25.38 11.27 6.61
CA ALA C 18 24.21 11.87 7.24
C ALA C 18 24.49 11.85 8.73
N LEU C 19 24.82 13.01 9.26
CA LEU C 19 25.39 13.13 10.60
C LEU C 19 24.33 12.80 11.66
N LEU C 20 24.70 12.01 12.65
CA LEU C 20 23.81 11.76 13.79
C LEU C 20 23.92 12.94 14.77
N THR C 21 22.86 13.19 15.53
CA THR C 21 22.85 14.23 16.55
C THR C 21 22.97 13.56 17.93
N PRO C 22 24.14 13.69 18.58
CA PRO C 22 24.26 13.04 19.89
C PRO C 22 23.47 13.76 20.99
N PHE C 23 22.87 12.98 21.89
CA PHE C 23 22.17 13.50 23.06
C PHE C 23 22.83 13.05 24.36
N ASP C 24 22.68 13.86 25.42
CA ASP C 24 23.20 13.50 26.73
C ASP C 24 22.17 12.66 27.48
N GLN C 25 22.50 12.29 28.71
CA GLN C 25 21.64 11.41 29.51
C GLN C 25 20.25 12.00 29.79
N GLN C 26 20.14 13.33 29.78
CA GLN C 26 18.85 14.02 29.97
C GLN C 26 18.17 14.39 28.64
N GLN C 27 18.74 13.85 27.56
CA GLN C 27 18.22 14.02 26.19
C GLN C 27 18.39 15.42 25.60
N ALA C 28 19.22 16.24 26.24
CA ALA C 28 19.60 17.54 25.68
C ALA C 28 20.69 17.30 24.65
N LEU C 29 21.00 18.27 23.80
CA LEU C 29 22.12 18.12 22.86
C LEU C 29 23.42 17.88 23.62
N ASP C 30 24.18 16.85 23.21
CA ASP C 30 25.52 16.60 23.75
C ASP C 30 26.51 17.24 22.77
N LYS C 31 26.86 18.50 23.06
CA LYS C 31 27.69 19.31 22.16
C LYS C 31 29.13 18.79 22.02
N ALA C 32 29.72 18.31 23.12
CA ALA C 32 31.05 17.72 23.06
C ALA C 32 31.11 16.47 22.16
N SER C 33 30.08 15.61 22.24
CA SER C 33 30.03 14.42 21.40
C SER C 33 29.80 14.78 19.92
N LEU C 34 28.97 15.78 19.66
CA LEU C 34 28.78 16.28 18.31
C LEU C 34 30.11 16.72 17.69
N ARG C 35 30.87 17.49 18.45
CA ARG C 35 32.15 17.98 17.96
C ARG C 35 33.08 16.81 17.65
N ARG C 36 33.13 15.81 18.53
CA ARG C 36 33.98 14.64 18.31
CA ARG C 36 33.98 14.64 18.32
C ARG C 36 33.52 13.82 17.10
N LEU C 37 32.21 13.75 16.90
CA LEU C 37 31.68 12.97 15.77
C LEU C 37 31.98 13.66 14.44
N VAL C 38 31.91 14.99 14.43
CA VAL C 38 32.31 15.75 13.26
C VAL C 38 33.77 15.43 12.94
N GLN C 39 34.64 15.55 13.93
CA GLN C 39 36.07 15.31 13.72
C GLN C 39 36.37 13.87 13.32
N PHE C 40 35.66 12.92 13.92
CA PHE C 40 35.77 11.51 13.56
C PHE C 40 35.42 11.28 12.07
N ASN C 41 34.39 11.96 11.57
CA ASN C 41 34.02 11.82 10.16
C ASN C 41 35.06 12.43 9.21
N ILE C 42 35.57 13.61 9.54
CA ILE C 42 36.63 14.25 8.76
C ILE C 42 37.85 13.32 8.70
N GLN C 43 38.26 12.82 9.86
CA GLN C 43 39.43 11.91 9.95
C GLN C 43 39.24 10.60 9.19
N GLN C 44 38.00 10.19 8.94
CA GLN C 44 37.70 9.04 8.07
C GLN C 44 37.91 9.34 6.58
N GLY C 45 38.06 10.60 6.21
CA GLY C 45 38.22 10.99 4.81
C GLY C 45 36.92 11.14 4.05
N ILE C 46 35.84 11.43 4.77
CA ILE C 46 34.52 11.65 4.18
C ILE C 46 34.54 12.95 3.36
N ASP C 47 33.72 13.02 2.30
CA ASP C 47 33.71 14.21 1.42
C ASP C 47 32.93 15.38 2.01
N GLY C 48 32.06 15.08 2.96
CA GLY C 48 31.17 16.07 3.52
C GLY C 48 30.21 15.52 4.54
N LEU C 49 29.40 16.42 5.09
CA LEU C 49 28.39 16.09 6.08
C LEU C 49 27.03 16.67 5.70
N TYR C 50 26.00 15.84 5.89
CA TYR C 50 24.61 16.20 5.68
C TYR C 50 23.98 16.28 7.07
N VAL C 51 23.66 17.50 7.49
CA VAL C 51 23.47 17.82 8.89
C VAL C 51 22.01 18.13 9.17
N GLY C 52 21.48 17.57 10.25
CA GLY C 52 20.09 17.83 10.65
C GLY C 52 19.10 17.13 9.74
N GLY C 53 19.50 15.99 9.17
CA GLY C 53 18.63 15.22 8.30
C GLY C 53 17.74 14.26 9.07
N SER C 54 17.14 13.33 8.32
CA SER C 54 16.34 12.26 8.90
C SER C 54 17.17 11.51 9.95
N THR C 55 18.36 11.05 9.54
CA THR C 55 19.33 10.41 10.43
C THR C 55 19.73 11.29 11.61
N GLY C 56 19.78 12.60 11.38
CA GLY C 56 20.06 13.56 12.42
C GLY C 56 18.92 13.78 13.44
N GLU C 57 17.83 13.00 13.33
CA GLU C 57 16.70 13.17 14.25
C GLU C 57 16.11 14.59 14.24
N ALA C 58 16.10 15.21 13.05
CA ALA C 58 15.56 16.55 12.87
C ALA C 58 14.17 16.72 13.48
N PHE C 59 13.33 15.71 13.28
CA PHE C 59 11.90 15.88 13.49
C PHE C 59 11.49 15.67 14.95
N VAL C 60 12.48 15.44 15.82
CA VAL C 60 12.28 15.48 17.26
C VAL C 60 13.13 16.58 17.94
N GLN C 61 13.63 17.54 17.15
CA GLN C 61 14.31 18.73 17.67
CA GLN C 61 14.29 18.73 17.67
C GLN C 61 13.53 20.00 17.33
N SER C 62 13.73 21.03 18.14
CA SER C 62 13.19 22.36 17.91
C SER C 62 14.05 23.03 16.83
N LEU C 63 13.54 24.12 16.27
CA LEU C 63 14.34 24.89 15.30
C LEU C 63 15.62 25.39 15.97
N SER C 64 15.49 25.88 17.20
CA SER C 64 16.62 26.39 17.98
C SER C 64 17.74 25.35 18.11
N GLU C 65 17.35 24.12 18.45
CA GLU C 65 18.31 23.02 18.59
C GLU C 65 18.95 22.66 17.26
N ARG C 66 18.15 22.62 16.20
CA ARG C 66 18.68 22.31 14.88
C ARG C 66 19.69 23.38 14.46
N GLU C 67 19.40 24.64 14.78
CA GLU C 67 20.34 25.73 14.51
C GLU C 67 21.65 25.61 15.31
N GLN C 68 21.53 25.26 16.59
CA GLN C 68 22.70 25.06 17.43
C GLN C 68 23.61 23.99 16.83
N VAL C 69 23.00 22.92 16.33
CA VAL C 69 23.74 21.86 15.68
C VAL C 69 24.40 22.34 14.39
N LEU C 70 23.68 23.07 13.54
CA LEU C 70 24.28 23.58 12.28
C LEU C 70 25.50 24.46 12.60
N GLU C 71 25.33 25.35 13.58
CA GLU C 71 26.38 26.29 13.96
C GLU C 71 27.63 25.57 14.43
N ILE C 72 27.47 24.61 15.33
CA ILE C 72 28.60 23.83 15.85
C ILE C 72 29.32 23.09 14.73
N VAL C 73 28.58 22.46 13.81
CA VAL C 73 29.21 21.67 12.76
C VAL C 73 30.04 22.58 11.85
N ALA C 74 29.48 23.73 11.48
CA ALA C 74 30.19 24.73 10.67
C ALA C 74 31.47 25.17 11.35
N GLU C 75 31.41 25.40 12.66
CA GLU C 75 32.59 25.79 13.44
C GLU C 75 33.70 24.74 13.33
N GLU C 76 33.31 23.47 13.43
CA GLU C 76 34.27 22.37 13.40
C GLU C 76 34.81 22.06 12.00
N ALA C 77 33.98 22.24 10.98
CA ALA C 77 34.22 21.65 9.65
C ALA C 77 34.22 22.61 8.45
N LYS C 78 33.71 23.83 8.60
CA LYS C 78 33.64 24.72 7.43
C LYS C 78 35.03 24.84 6.79
N GLY C 79 35.09 24.69 5.47
CA GLY C 79 36.35 24.75 4.74
C GLY C 79 37.16 23.46 4.66
N LYS C 80 36.89 22.51 5.57
CA LYS C 80 37.62 21.25 5.59
C LYS C 80 36.95 20.20 4.72
N ILE C 81 35.63 20.13 4.83
CA ILE C 81 34.79 19.23 4.03
C ILE C 81 33.56 20.01 3.56
N LYS C 82 32.78 19.41 2.65
CA LYS C 82 31.56 20.03 2.16
C LYS C 82 30.46 19.90 3.21
N LEU C 83 29.61 20.90 3.34
CA LEU C 83 28.55 20.91 4.37
C LEU C 83 27.20 21.22 3.75
N ILE C 84 26.26 20.30 3.95
CA ILE C 84 24.88 20.45 3.47
C ILE C 84 23.99 20.51 4.70
N ALA C 85 23.19 21.58 4.81
CA ALA C 85 22.23 21.72 5.90
C ALA C 85 20.86 21.21 5.50
N HIS C 86 20.36 20.15 6.15
CA HIS C 86 18.97 19.80 5.94
C HIS C 86 18.11 20.74 6.77
N VAL C 87 17.36 21.60 6.07
CA VAL C 87 16.55 22.64 6.70
C VAL C 87 15.05 22.30 6.67
N GLY C 88 14.71 21.13 6.14
CA GLY C 88 13.33 20.78 5.85
C GLY C 88 12.47 20.63 7.10
N CYS C 89 11.32 21.29 7.08
CA CYS C 89 10.24 21.11 8.06
C CYS C 89 8.95 20.95 7.27
N VAL C 90 7.86 20.57 7.94
CA VAL C 90 6.58 20.52 7.25
C VAL C 90 6.22 21.95 6.85
N SER C 91 6.41 22.89 7.77
CA SER C 91 6.14 24.32 7.54
C SER C 91 7.18 24.91 6.58
N THR C 92 6.72 25.66 5.59
CA THR C 92 7.64 26.39 4.72
C THR C 92 8.38 27.47 5.49
N ALA C 93 7.66 28.24 6.31
CA ALA C 93 8.26 29.36 7.03
C ALA C 93 9.37 28.89 7.96
N GLU C 94 9.14 27.77 8.66
CA GLU C 94 10.15 27.19 9.54
C GLU C 94 11.37 26.74 8.74
N SER C 95 11.13 26.15 7.56
CA SER C 95 12.21 25.67 6.70
C SER C 95 13.06 26.87 6.24
N GLN C 96 12.38 27.97 5.96
CA GLN C 96 13.06 29.20 5.52
C GLN C 96 13.96 29.79 6.63
N GLN C 97 13.51 29.70 7.87
CA GLN C 97 14.31 30.15 9.01
C GLN C 97 15.60 29.34 9.07
N LEU C 98 15.46 28.02 9.02
CA LEU C 98 16.65 27.15 9.03
C LEU C 98 17.55 27.40 7.81
N ALA C 99 16.96 27.68 6.65
CA ALA C 99 17.72 28.05 5.44
C ALA C 99 18.56 29.32 5.64
N ALA C 100 17.93 30.35 6.18
CA ALA C 100 18.62 31.62 6.50
C ALA C 100 19.78 31.40 7.48
N SER C 101 19.55 30.61 8.52
CA SER C 101 20.62 30.26 9.46
C SER C 101 21.77 29.52 8.77
N ALA C 102 21.44 28.53 7.95
CA ALA C 102 22.44 27.78 7.18
C ALA C 102 23.34 28.73 6.38
N LYS C 103 22.71 29.70 5.72
CA LYS C 103 23.45 30.70 4.97
C LYS C 103 24.37 31.47 5.92
N ARG C 104 23.85 31.93 7.06
CA ARG C 104 24.65 32.68 8.05
C ARG C 104 25.86 31.90 8.56
N TYR C 105 25.73 30.58 8.70
CA TYR C 105 26.82 29.76 9.25
C TYR C 105 27.84 29.30 8.20
N GLY C 106 27.60 29.64 6.94
CA GLY C 106 28.55 29.37 5.85
C GLY C 106 28.46 27.97 5.27
N PHE C 107 27.26 27.39 5.28
CA PHE C 107 27.06 26.08 4.66
C PHE C 107 27.20 26.18 3.13
N ASP C 108 27.54 25.05 2.51
CA ASP C 108 27.76 24.99 1.07
C ASP C 108 26.46 24.82 0.29
N ALA C 109 25.46 24.27 0.98
CA ALA C 109 24.19 23.96 0.36
C ALA C 109 23.14 23.70 1.44
N VAL C 110 21.88 23.76 1.04
CA VAL C 110 20.74 23.38 1.88
C VAL C 110 20.00 22.22 1.24
N SER C 111 19.13 21.60 2.04
CA SER C 111 18.36 20.44 1.60
C SER C 111 17.03 20.42 2.35
N ALA C 112 15.98 19.92 1.71
CA ALA C 112 14.66 19.81 2.33
C ALA C 112 13.92 18.57 1.87
N VAL C 113 13.45 17.79 2.84
CA VAL C 113 12.58 16.67 2.60
C VAL C 113 11.29 17.23 2.01
N THR C 114 10.69 16.51 1.07
CA THR C 114 9.33 16.83 0.66
C THR C 114 8.45 16.90 1.92
N PRO C 115 7.75 18.03 2.14
CA PRO C 115 7.01 18.16 3.39
C PRO C 115 5.94 17.08 3.53
N PHE C 116 5.77 16.60 4.76
CA PHE C 116 5.06 15.34 4.99
C PHE C 116 3.84 15.54 5.88
N TYR C 117 3.22 14.42 6.26
CA TYR C 117 2.00 14.37 7.08
C TYR C 117 0.77 14.84 6.29
N TYR C 118 0.64 16.15 6.06
CA TYR C 118 -0.49 16.69 5.29
C TYR C 118 -0.25 16.47 3.79
N PRO C 119 -1.27 15.98 3.08
CA PRO C 119 -1.13 15.89 1.63
C PRO C 119 -1.11 17.27 0.97
N PHE C 120 -0.09 17.50 0.13
CA PHE C 120 0.05 18.73 -0.61
C PHE C 120 0.08 18.44 -2.10
N SER C 121 -0.44 19.36 -2.91
CA SER C 121 -0.39 19.23 -4.37
C SER C 121 1.05 19.39 -4.82
N PHE C 122 1.34 18.90 -6.02
CA PHE C 122 2.68 19.07 -6.58
C PHE C 122 3.07 20.55 -6.70
N GLU C 123 2.14 21.39 -7.12
CA GLU C 123 2.41 22.84 -7.19
C GLU C 123 2.80 23.39 -5.81
N GLU C 124 2.12 22.90 -4.77
CA GLU C 124 2.40 23.35 -3.40
C GLU C 124 3.80 22.91 -2.98
N HIS C 125 4.20 21.73 -3.40
CA HIS C 125 5.57 21.27 -3.17
C HIS C 125 6.56 22.16 -3.89
N CYS C 126 6.26 22.50 -5.13
CA CYS C 126 7.18 23.32 -5.92
C CYS C 126 7.37 24.71 -5.29
N ASP C 127 6.27 25.31 -4.83
CA ASP C 127 6.36 26.62 -4.16
C ASP C 127 7.14 26.53 -2.85
N HIS C 128 6.99 25.42 -2.14
CA HIS C 128 7.74 25.16 -0.90
C HIS C 128 9.24 25.23 -1.17
N TYR C 129 9.71 24.50 -2.18
CA TYR C 129 11.14 24.52 -2.55
C TYR C 129 11.58 25.92 -3.04
N ARG C 130 10.75 26.54 -3.88
CA ARG C 130 11.04 27.93 -4.32
C ARG C 130 11.34 28.87 -3.15
N ALA C 131 10.49 28.80 -2.12
CA ALA C 131 10.58 29.74 -0.99
C ALA C 131 11.85 29.48 -0.18
N ILE C 132 12.21 28.21 -0.03
CA ILE C 132 13.40 27.83 0.75
C ILE C 132 14.66 28.24 -0.01
N ILE C 133 14.66 27.99 -1.31
CA ILE C 133 15.75 28.42 -2.21
C ILE C 133 15.99 29.94 -2.08
N ASP C 134 14.91 30.72 -2.11
CA ASP C 134 15.06 32.17 -1.94
C ASP C 134 15.69 32.54 -0.58
N SER C 135 15.24 31.90 0.49
CA SER C 135 15.80 32.16 1.82
C SER C 135 17.26 31.66 1.96
N ALA C 136 17.65 30.67 1.17
CA ALA C 136 19.03 30.15 1.16
C ALA C 136 19.99 31.14 0.50
N ASP C 137 19.42 32.13 -0.17
CA ASP C 137 20.13 33.26 -0.76
C ASP C 137 21.45 32.89 -1.43
N GLY C 138 21.40 31.92 -2.35
CA GLY C 138 22.57 31.56 -3.13
C GLY C 138 23.06 30.14 -2.93
N LEU C 139 22.82 29.58 -1.75
CA LEU C 139 23.19 28.20 -1.45
C LEU C 139 22.31 27.29 -2.30
N PRO C 140 22.92 26.37 -3.07
CA PRO C 140 22.10 25.48 -3.88
C PRO C 140 21.24 24.56 -3.02
N MET C 141 20.14 24.08 -3.60
CA MET C 141 19.19 23.19 -2.95
C MET C 141 19.45 21.74 -3.35
N VAL C 142 19.40 20.84 -2.37
CA VAL C 142 19.42 19.40 -2.62
C VAL C 142 18.01 18.91 -2.29
N VAL C 143 17.22 18.59 -3.31
CA VAL C 143 15.88 18.05 -3.10
C VAL C 143 16.05 16.69 -2.44
N PHE C 144 15.21 16.38 -1.44
CA PHE C 144 15.34 15.15 -0.67
C PHE C 144 14.05 14.34 -0.77
N ASN C 145 14.15 13.23 -1.49
CA ASN C 145 13.04 12.33 -1.80
C ASN C 145 13.21 11.05 -0.99
N ILE C 146 12.25 10.79 -0.11
CA ILE C 146 12.29 9.61 0.77
C ILE C 146 10.87 9.06 0.95
N PRO C 147 10.29 8.51 -0.13
CA PRO C 147 8.88 8.12 -0.19
C PRO C 147 8.42 7.21 0.95
N ALA C 148 9.31 6.32 1.38
CA ALA C 148 9.00 5.32 2.42
C ALA C 148 8.62 5.94 3.77
N LEU C 149 9.14 7.13 4.05
CA LEU C 149 8.83 7.84 5.31
C LEU C 149 7.93 9.06 5.10
N SER C 150 8.13 9.78 3.98
CA SER C 150 7.38 11.01 3.75
C SER C 150 5.93 10.76 3.34
N GLY C 151 5.69 9.64 2.67
CA GLY C 151 4.38 9.34 2.11
C GLY C 151 4.10 10.10 0.82
N VAL C 152 5.11 10.80 0.32
CA VAL C 152 4.92 11.62 -0.87
C VAL C 152 5.39 10.81 -2.06
N LYS C 153 4.49 10.63 -3.03
CA LYS C 153 4.71 9.72 -4.17
C LYS C 153 4.84 10.50 -5.48
N LEU C 154 6.06 10.94 -5.77
CA LEU C 154 6.32 11.79 -6.95
C LEU C 154 6.51 10.94 -8.19
N THR C 155 5.94 11.38 -9.31
CA THR C 155 6.19 10.76 -10.61
C THR C 155 7.58 11.17 -11.10
N LEU C 156 8.12 10.46 -12.09
CA LEU C 156 9.37 10.89 -12.72
C LEU C 156 9.25 12.32 -13.29
N ASP C 157 8.12 12.62 -13.95
CA ASP C 157 7.89 13.96 -14.49
CA ASP C 157 7.87 13.95 -14.49
C ASP C 157 7.95 15.01 -13.40
N GLN C 158 7.36 14.70 -12.25
CA GLN C 158 7.36 15.61 -11.12
C GLN C 158 8.77 15.80 -10.57
N ILE C 159 9.55 14.73 -10.49
CA ILE C 159 10.94 14.81 -10.05
C ILE C 159 11.74 15.67 -11.02
N ASN C 160 11.50 15.48 -12.32
CA ASN C 160 12.18 16.27 -13.34
C ASN C 160 11.96 17.76 -13.14
N THR C 161 10.72 18.14 -12.83
CA THR C 161 10.33 19.54 -12.61
C THR C 161 11.03 20.10 -11.37
N LEU C 162 10.96 19.37 -10.25
CA LEU C 162 11.63 19.82 -9.02
C LEU C 162 13.13 20.02 -9.20
N VAL C 163 13.81 19.07 -9.82
CA VAL C 163 15.27 19.14 -9.91
C VAL C 163 15.75 20.18 -10.92
N THR C 164 14.86 20.67 -11.78
CA THR C 164 15.21 21.75 -12.71
C THR C 164 14.71 23.12 -12.25
N LEU C 165 14.17 23.21 -11.03
CA LEU C 165 13.83 24.53 -10.48
C LEU C 165 15.10 25.36 -10.34
N PRO C 166 15.01 26.67 -10.64
CA PRO C 166 16.17 27.53 -10.42
C PRO C 166 16.72 27.36 -9.00
N GLY C 167 18.01 27.07 -8.89
CA GLY C 167 18.69 26.93 -7.60
C GLY C 167 18.84 25.50 -7.08
N VAL C 168 18.18 24.55 -7.73
CA VAL C 168 18.36 23.14 -7.37
C VAL C 168 19.64 22.63 -8.01
N GLY C 169 20.53 22.09 -7.19
CA GLY C 169 21.81 21.54 -7.65
C GLY C 169 22.02 20.06 -7.45
N ALA C 170 21.09 19.38 -6.77
CA ALA C 170 21.25 17.97 -6.50
C ALA C 170 19.96 17.35 -6.04
N LEU C 171 19.92 16.01 -6.12
CA LEU C 171 18.82 15.21 -5.59
C LEU C 171 19.40 14.13 -4.68
N KPI C 172 18.88 14.08 -3.46
CA KPI C 172 19.14 12.96 -2.56
CB KPI C 172 19.21 13.41 -1.11
CG KPI C 172 19.49 12.26 -0.14
CD KPI C 172 19.62 12.71 1.28
CE KPI C 172 19.67 11.51 2.24
NZ KPI C 172 19.47 11.98 3.61
CX1 KPI C 172 19.62 11.20 4.70
C1 KPI C 172 20.37 9.88 4.66
CX2 KPI C 172 19.08 11.73 5.99
O1 KPI C 172 18.47 12.79 5.98
O2 KPI C 172 19.24 11.06 7.02
C KPI C 172 18.01 11.98 -2.78
O KPI C 172 16.86 12.26 -2.42
N GLN C 173 18.32 10.85 -3.40
CA GLN C 173 17.33 9.90 -3.85
C GLN C 173 17.33 8.70 -2.91
N THR C 174 16.52 8.80 -1.86
CA THR C 174 16.32 7.70 -0.92
C THR C 174 15.15 6.85 -1.41
N SER C 175 15.44 6.04 -2.42
CA SER C 175 14.46 5.19 -3.07
C SER C 175 15.20 3.95 -3.55
N GLY C 176 14.58 2.79 -3.37
CA GLY C 176 15.15 1.56 -3.91
C GLY C 176 14.81 1.26 -5.36
N ASP C 177 14.17 2.21 -6.05
CA ASP C 177 13.74 2.03 -7.44
C ASP C 177 14.86 2.42 -8.40
N LEU C 178 15.68 1.44 -8.80
CA LEU C 178 16.85 1.76 -9.61
C LEU C 178 16.57 1.95 -11.11
N TYR C 179 15.35 1.63 -11.55
CA TYR C 179 14.87 2.05 -12.86
C TYR C 179 14.73 3.57 -12.88
N GLN C 180 14.06 4.09 -11.86
CA GLN C 180 13.90 5.53 -11.72
C GLN C 180 15.25 6.24 -11.54
N MET C 181 16.19 5.62 -10.81
CA MET C 181 17.52 6.19 -10.66
C MET C 181 18.17 6.36 -12.04
N GLU C 182 18.06 5.33 -12.89
CA GLU C 182 18.58 5.41 -14.25
C GLU C 182 17.85 6.46 -15.08
N GLN C 183 16.53 6.50 -14.96
CA GLN C 183 15.74 7.50 -15.71
C GLN C 183 16.13 8.93 -15.36
N ILE C 184 16.36 9.17 -14.07
CA ILE C 184 16.76 10.49 -13.59
C ILE C 184 18.12 10.89 -14.15
N ARG C 185 19.07 9.96 -14.13
CA ARG C 185 20.38 10.20 -14.71
C ARG C 185 20.29 10.45 -16.21
N ARG C 186 19.42 9.69 -16.89
CA ARG C 186 19.26 9.83 -18.33
C ARG C 186 18.73 11.21 -18.72
N GLU C 187 17.72 11.69 -17.98
CA GLU C 187 17.14 12.99 -18.26
C GLU C 187 18.10 14.13 -17.87
N HIS C 188 18.88 13.93 -16.81
CA HIS C 188 19.70 14.99 -16.23
C HIS C 188 21.13 14.54 -16.14
N PRO C 189 21.87 14.59 -17.26
CA PRO C 189 23.21 14.02 -17.25
C PRO C 189 24.21 14.69 -16.31
N ASP C 190 23.99 15.95 -15.96
CA ASP C 190 24.91 16.71 -15.10
C ASP C 190 24.47 16.80 -13.64
N LEU C 191 23.31 16.23 -13.33
CA LEU C 191 22.74 16.36 -11.99
C LEU C 191 23.54 15.56 -10.95
N VAL C 192 23.83 16.19 -9.81
CA VAL C 192 24.44 15.50 -8.69
C VAL C 192 23.34 14.63 -8.07
N LEU C 193 23.58 13.33 -7.99
CA LEU C 193 22.51 12.38 -7.67
C LEU C 193 22.98 11.43 -6.58
N TYR C 194 22.52 11.65 -5.35
CA TYR C 194 23.02 10.89 -4.21
C TYR C 194 22.16 9.68 -3.95
N ASN C 195 22.80 8.51 -3.93
CA ASN C 195 22.14 7.28 -3.49
C ASN C 195 21.86 7.38 -1.99
N GLY C 196 20.62 7.09 -1.61
CA GLY C 196 20.12 7.31 -0.26
C GLY C 196 19.99 6.07 0.61
N TYR C 197 19.90 4.90 -0.01
CA TYR C 197 19.84 3.64 0.74
C TYR C 197 21.20 2.95 0.72
N ASP C 198 21.85 2.91 1.87
CA ASP C 198 23.23 2.41 1.96
C ASP C 198 23.36 0.96 1.48
N ASN C 199 22.31 0.17 1.67
CA ASN C 199 22.35 -1.24 1.36
C ASN C 199 22.19 -1.61 -0.12
N ILE C 200 22.05 -0.61 -1.00
CA ILE C 200 22.11 -0.81 -2.45
C ILE C 200 23.13 0.12 -3.11
N PHE C 201 24.03 0.70 -2.31
CA PHE C 201 24.94 1.72 -2.80
C PHE C 201 25.63 1.34 -4.12
N ALA C 202 26.27 0.17 -4.18
CA ALA C 202 26.99 -0.23 -5.40
C ALA C 202 26.04 -0.30 -6.59
N SER C 203 24.87 -0.89 -6.39
CA SER C 203 23.87 -0.97 -7.45
C SER C 203 23.28 0.39 -7.86
N GLY C 204 23.15 1.31 -6.91
CA GLY C 204 22.66 2.66 -7.20
C GLY C 204 23.64 3.44 -8.06
N LEU C 205 24.92 3.33 -7.74
CA LEU C 205 25.98 3.93 -8.55
C LEU C 205 25.94 3.39 -9.98
N LEU C 206 25.81 2.06 -10.13
CA LEU C 206 25.76 1.45 -11.46
C LEU C 206 24.57 1.97 -12.24
N ALA C 207 23.47 2.20 -11.55
CA ALA C 207 22.25 2.73 -12.18
C ALA C 207 22.35 4.20 -12.64
N GLY C 208 23.23 4.99 -12.00
CA GLY C 208 23.33 6.41 -12.35
C GLY C 208 23.72 7.38 -11.25
N ALA C 209 23.49 7.02 -9.98
CA ALA C 209 23.95 7.85 -8.86
C ALA C 209 25.46 8.09 -8.98
N ASP C 210 25.91 9.29 -8.64
CA ASP C 210 27.36 9.63 -8.67
C ASP C 210 27.92 9.90 -7.28
N GLY C 211 27.17 9.52 -6.26
CA GLY C 211 27.64 9.60 -4.89
C GLY C 211 26.55 9.09 -3.98
N GLY C 212 26.61 9.48 -2.72
CA GLY C 212 25.64 9.02 -1.73
C GLY C 212 25.64 9.84 -0.46
N ILE C 213 24.50 9.82 0.23
CA ILE C 213 24.36 10.39 1.55
C ILE C 213 23.75 9.26 2.39
N GLY C 214 24.35 8.95 3.53
CA GLY C 214 24.01 7.75 4.27
C GLY C 214 24.32 7.79 5.76
N SER C 215 23.46 7.13 6.54
CA SER C 215 23.65 7.06 7.99
C SER C 215 24.87 6.23 8.40
N THR C 216 25.07 5.10 7.73
CA THR C 216 26.12 4.16 8.15
C THR C 216 27.51 4.67 7.79
N TYR C 217 27.59 5.74 7.01
CA TYR C 217 28.87 6.33 6.65
C TYR C 217 29.59 6.84 7.91
N ASN C 218 28.82 7.18 8.96
CA ASN C 218 29.38 7.64 10.25
C ASN C 218 30.38 6.64 10.85
N ILE C 219 30.16 5.35 10.59
CA ILE C 219 31.01 4.29 11.17
C ILE C 219 31.88 3.53 10.15
N MET C 220 31.57 3.64 8.85
CA MET C 220 32.33 2.91 7.82
C MET C 220 32.29 3.60 6.46
N GLY C 221 32.34 4.94 6.49
CA GLY C 221 32.35 5.76 5.28
C GLY C 221 33.41 5.38 4.26
N TRP C 222 34.56 4.95 4.74
CA TRP C 222 35.66 4.54 3.87
C TRP C 222 35.30 3.37 2.91
N ARG C 223 34.40 2.49 3.36
CA ARG C 223 33.95 1.38 2.52
C ARG C 223 33.17 1.88 1.30
N TYR C 224 32.33 2.90 1.50
CA TYR C 224 31.52 3.47 0.43
C TYR C 224 32.44 4.21 -0.54
N GLN C 225 33.44 4.91 -0.02
CA GLN C 225 34.46 5.50 -0.89
CA GLN C 225 34.51 5.50 -0.84
C GLN C 225 35.23 4.41 -1.63
N GLY C 226 35.43 3.26 -0.97
CA GLY C 226 36.07 2.10 -1.59
C GLY C 226 35.29 1.50 -2.75
N ILE C 227 33.96 1.51 -2.62
CA ILE C 227 33.06 1.06 -3.69
C ILE C 227 33.12 1.99 -4.90
N VAL C 228 33.11 3.31 -4.65
CA VAL C 228 33.26 4.28 -5.72
C VAL C 228 34.54 4.04 -6.50
N LYS C 229 35.64 3.86 -5.77
CA LYS C 229 36.95 3.65 -6.37
C LYS C 229 36.95 2.37 -7.19
N ALA C 230 36.54 1.27 -6.56
CA ALA C 230 36.49 -0.03 -7.23
C ALA C 230 35.68 0.00 -8.54
N LEU C 231 34.52 0.65 -8.54
CA LEU C 231 33.69 0.70 -9.76
C LEU C 231 34.35 1.56 -10.84
N LYS C 232 34.91 2.72 -10.46
CA LYS C 232 35.63 3.55 -11.43
C LYS C 232 36.81 2.81 -12.06
N GLU C 233 37.42 1.89 -11.32
CA GLU C 233 38.55 1.08 -11.82
C GLU C 233 38.11 -0.24 -12.47
N GLY C 234 36.79 -0.47 -12.57
CA GLY C 234 36.26 -1.70 -13.15
C GLY C 234 36.48 -2.94 -12.30
N ASP C 235 36.82 -2.75 -11.02
CA ASP C 235 37.05 -3.87 -10.11
C ASP C 235 35.72 -4.28 -9.45
N ILE C 236 34.92 -5.03 -10.20
CA ILE C 236 33.58 -5.39 -9.78
C ILE C 236 33.59 -6.26 -8.53
N GLN C 237 34.58 -7.15 -8.43
CA GLN C 237 34.64 -8.08 -7.30
C GLN C 237 34.84 -7.33 -5.97
N THR C 238 35.74 -6.36 -5.97
CA THR C 238 36.02 -5.56 -4.78
C THR C 238 34.78 -4.74 -4.41
N ALA C 239 34.13 -4.17 -5.42
CA ALA C 239 32.90 -3.39 -5.19
C ALA C 239 31.84 -4.25 -4.51
N GLN C 240 31.60 -5.44 -5.06
CA GLN C 240 30.62 -6.37 -4.48
C GLN C 240 30.98 -6.83 -3.08
N LYS C 241 32.26 -7.11 -2.86
CA LYS C 241 32.73 -7.60 -1.56
C LYS C 241 32.50 -6.56 -0.48
N LEU C 242 32.84 -5.30 -0.79
CA LEU C 242 32.61 -4.18 0.11
C LEU C 242 31.12 -3.97 0.36
N GLN C 243 30.29 -4.10 -0.68
CA GLN C 243 28.84 -3.96 -0.50
C GLN C 243 28.30 -5.08 0.41
N THR C 244 28.80 -6.30 0.24
CA THR C 244 28.39 -7.41 1.10
C THR C 244 28.77 -7.17 2.58
N GLU C 245 29.96 -6.63 2.83
CA GLU C 245 30.37 -6.28 4.19
C GLU C 245 29.50 -5.17 4.78
N CYS C 246 29.20 -4.16 3.96
CA CYS C 246 28.29 -3.10 4.37
C CYS C 246 26.91 -3.66 4.76
N ASN C 247 26.39 -4.57 3.94
CA ASN C 247 25.09 -5.19 4.21
C ASN C 247 25.07 -6.12 5.43
N LYS C 248 26.18 -6.79 5.72
CA LYS C 248 26.29 -7.57 6.96
C LYS C 248 26.09 -6.67 8.19
N VAL C 249 26.72 -5.50 8.15
CA VAL C 249 26.55 -4.52 9.21
C VAL C 249 25.12 -3.98 9.21
N ILE C 250 24.61 -3.63 8.03
CA ILE C 250 23.24 -3.10 7.93
C ILE C 250 22.18 -4.09 8.46
N ASP C 251 22.30 -5.37 8.11
CA ASP C 251 21.45 -6.42 8.75
C ASP C 251 21.38 -6.24 10.27
N LEU C 252 22.54 -6.08 10.91
CA LEU C 252 22.61 -5.96 12.37
C LEU C 252 21.97 -4.68 12.85
N LEU C 253 22.29 -3.56 12.19
CA LEU C 253 21.74 -2.27 12.56
C LEU C 253 20.21 -2.23 12.41
N ILE C 254 19.66 -2.91 11.39
CA ILE C 254 18.23 -3.00 11.24
C ILE C 254 17.61 -3.77 12.43
N LYS C 255 18.24 -4.87 12.85
CA LYS C 255 17.81 -5.60 14.06
C LYS C 255 17.80 -4.72 15.31
N THR C 256 18.88 -3.95 15.52
CA THR C 256 19.05 -3.17 16.74
C THR C 256 18.26 -1.86 16.77
N GLY C 257 17.80 -1.39 15.61
CA GLY C 257 17.43 0.03 15.43
C GLY C 257 18.68 0.71 14.89
N VAL C 258 18.55 1.38 13.73
CA VAL C 258 19.72 1.86 12.97
C VAL C 258 20.41 3.06 13.63
N PHE C 259 19.69 4.13 13.93
CA PHE C 259 20.33 5.31 14.53
C PHE C 259 20.98 4.96 15.89
N ARG C 260 20.23 4.29 16.76
CA ARG C 260 20.74 3.98 18.10
C ARG C 260 21.85 2.93 18.03
N GLY C 261 21.75 2.01 17.07
CA GLY C 261 22.83 1.04 16.85
C GLY C 261 24.11 1.74 16.43
N LEU C 262 23.99 2.66 15.48
CA LEU C 262 25.15 3.46 15.05
C LEU C 262 25.73 4.27 16.20
N LYS C 263 24.87 4.88 17.00
CA LYS C 263 25.32 5.65 18.15
C LYS C 263 26.07 4.76 19.14
N THR C 264 25.58 3.53 19.32
CA THR C 264 26.21 2.60 20.25
C THR C 264 27.59 2.15 19.75
N VAL C 265 27.73 1.90 18.46
CA VAL C 265 29.05 1.62 17.90
C VAL C 265 29.99 2.79 18.15
N LEU C 266 29.51 4.00 17.86
CA LEU C 266 30.29 5.21 18.07
C LEU C 266 30.66 5.43 19.56
N HIS C 267 29.81 4.97 20.48
CA HIS C 267 30.08 5.01 21.92
C HIS C 267 31.24 4.10 22.27
N TYR C 268 31.24 2.90 21.70
CA TYR C 268 32.35 1.97 21.90
C TYR C 268 33.61 2.41 21.13
N MET C 269 33.46 3.26 20.11
CA MET C 269 34.59 3.85 19.38
C MET C 269 35.14 5.12 20.06
N ASP C 270 34.73 5.39 21.29
CA ASP C 270 35.18 6.56 22.06
C ASP C 270 34.78 7.93 21.49
N VAL C 271 33.67 7.99 20.77
CA VAL C 271 33.22 9.24 20.15
C VAL C 271 31.99 9.82 20.86
N VAL C 272 30.96 9.00 21.05
CA VAL C 272 29.66 9.46 21.58
C VAL C 272 29.52 9.03 23.04
N SER C 273 29.33 9.98 23.95
CA SER C 273 29.29 9.69 25.40
C SER C 273 28.10 8.83 25.80
N VAL C 274 26.94 9.13 25.23
CA VAL C 274 25.70 8.48 25.62
C VAL C 274 24.95 8.20 24.31
N PRO C 275 24.78 6.90 23.96
CA PRO C 275 24.25 6.53 22.64
C PRO C 275 22.71 6.53 22.54
N LEU C 276 22.03 7.45 23.19
CA LEU C 276 20.58 7.48 23.13
C LEU C 276 20.06 8.28 21.94
N CYS C 277 18.96 7.80 21.40
CA CYS C 277 18.10 8.57 20.52
C CYS C 277 17.05 9.23 21.41
N ARG C 278 16.36 10.23 20.86
CA ARG C 278 15.29 10.90 21.60
C ARG C 278 13.98 10.11 21.63
N LYS C 279 13.32 10.17 22.77
CA LYS C 279 12.00 9.57 22.94
CA LYS C 279 12.02 9.53 22.90
C LYS C 279 11.06 10.10 21.85
N PRO C 280 10.19 9.23 21.29
CA PRO C 280 9.87 7.87 21.71
C PRO C 280 10.78 6.72 21.25
N PHE C 281 11.90 7.01 20.59
CA PHE C 281 12.93 5.99 20.42
C PHE C 281 13.33 5.49 21.81
N GLY C 282 13.41 4.18 21.97
CA GLY C 282 13.87 3.58 23.23
C GLY C 282 15.34 3.20 23.14
N PRO C 283 15.88 2.61 24.22
CA PRO C 283 17.30 2.24 24.20
C PRO C 283 17.52 0.99 23.35
N VAL C 284 18.78 0.73 22.98
CA VAL C 284 19.13 -0.53 22.33
C VAL C 284 18.88 -1.68 23.32
N ASP C 285 18.38 -2.80 22.82
CA ASP C 285 18.17 -3.97 23.68
C ASP C 285 19.53 -4.49 24.09
N GLU C 286 19.72 -4.65 25.39
CA GLU C 286 21.01 -5.11 25.96
C GLU C 286 21.57 -6.36 25.32
N LYS C 287 20.68 -7.23 24.83
CA LYS C 287 21.10 -8.47 24.19
C LYS C 287 21.92 -8.22 22.92
N TYR C 288 21.77 -7.05 22.31
CA TYR C 288 22.57 -6.70 21.12
C TYR C 288 23.93 -6.08 21.41
N LEU C 289 24.23 -5.74 22.67
CA LEU C 289 25.48 -5.03 22.97
C LEU C 289 26.76 -5.82 22.60
N PRO C 290 26.78 -7.15 22.89
CA PRO C 290 27.97 -7.90 22.48
C PRO C 290 28.28 -7.81 20.99
N GLU C 291 27.26 -7.95 20.15
CA GLU C 291 27.41 -7.80 18.69
C GLU C 291 27.88 -6.40 18.28
N LEU C 292 27.34 -5.37 18.93
CA LEU C 292 27.71 -3.99 18.59
C LEU C 292 29.12 -3.63 19.02
N LYS C 293 29.52 -4.14 20.18
CA LYS C 293 30.89 -4.01 20.69
C LYS C 293 31.88 -4.69 19.76
N ALA C 294 31.52 -5.88 19.31
CA ALA C 294 32.37 -6.63 18.38
C ALA C 294 32.54 -5.87 17.07
N LEU C 295 31.45 -5.25 16.58
CA LEU C 295 31.51 -4.45 15.36
C LEU C 295 32.39 -3.22 15.51
N ALA C 296 32.28 -2.52 16.64
CA ALA C 296 33.14 -1.37 16.93
C ALA C 296 34.62 -1.81 16.93
N GLN C 297 34.91 -2.92 17.61
CA GLN C 297 36.26 -3.51 17.60
C GLN C 297 36.72 -3.84 16.17
N GLN C 298 35.87 -4.52 15.40
CA GLN C 298 36.18 -4.86 14.01
C GLN C 298 36.57 -3.62 13.20
N LEU C 299 35.69 -2.62 13.20
CA LEU C 299 35.88 -1.43 12.37
C LEU C 299 37.08 -0.59 12.79
N MET C 300 37.30 -0.47 14.10
CA MET C 300 38.45 0.27 14.63
C MET C 300 39.77 -0.34 14.13
N GLN C 301 39.81 -1.66 14.03
CA GLN C 301 41.00 -2.36 13.52
C GLN C 301 41.14 -2.23 12.01
N GLU C 302 40.02 -2.16 11.30
CA GLU C 302 40.02 -1.94 9.86
C GLU C 302 40.48 -0.51 9.52
N ARG C 303 40.01 0.47 10.30
CA ARG C 303 40.41 1.89 10.21
C ARG C 303 39.88 2.61 8.96
N GLY C 304 40.13 3.92 8.89
CA GLY C 304 39.72 4.74 7.73
C GLY C 304 40.73 4.68 6.59
N HIS D 6 -31.65 1.00 -14.23
CA HIS D 6 -31.55 0.36 -12.89
C HIS D 6 -32.92 -0.02 -12.33
N HIS D 7 -33.92 0.81 -12.60
CA HIS D 7 -35.27 0.60 -12.07
C HIS D 7 -35.88 -0.73 -12.54
N HIS D 8 -35.48 -1.19 -13.72
CA HIS D 8 -35.96 -2.47 -14.26
C HIS D 8 -35.39 -3.68 -13.50
N ALA D 9 -34.22 -3.50 -12.88
CA ALA D 9 -33.57 -4.57 -12.13
C ALA D 9 -34.00 -4.64 -10.65
N THR D 10 -34.97 -3.82 -10.26
CA THR D 10 -35.48 -3.79 -8.87
C THR D 10 -35.72 -5.17 -8.23
N ASN D 11 -36.15 -6.13 -9.05
CA ASN D 11 -36.35 -7.51 -8.58
C ASN D 11 -35.07 -8.26 -8.14
N LEU D 12 -33.90 -7.66 -8.39
CA LEU D 12 -32.62 -8.23 -7.93
C LEU D 12 -32.27 -7.80 -6.49
N ARG D 13 -33.06 -6.90 -5.91
CA ARG D 13 -32.84 -6.40 -4.55
C ARG D 13 -33.04 -7.50 -3.49
N GLY D 14 -32.12 -7.61 -2.53
CA GLY D 14 -32.24 -8.61 -1.47
C GLY D 14 -30.98 -9.09 -0.79
N VAL D 15 -31.14 -10.11 0.06
CA VAL D 15 -30.04 -10.73 0.81
C VAL D 15 -29.74 -12.11 0.19
N MET D 16 -28.63 -12.17 -0.56
CA MET D 16 -28.27 -13.34 -1.37
CA MET D 16 -28.28 -13.34 -1.37
C MET D 16 -27.03 -14.01 -0.82
N ALA D 17 -27.11 -15.31 -0.56
CA ALA D 17 -25.93 -16.05 -0.09
C ALA D 17 -24.95 -16.27 -1.24
N ALA D 18 -23.68 -15.96 -0.99
CA ALA D 18 -22.61 -16.34 -1.90
C ALA D 18 -22.34 -17.81 -1.65
N LEU D 19 -22.87 -18.63 -2.55
CA LEU D 19 -22.88 -20.07 -2.39
C LEU D 19 -21.47 -20.66 -2.39
N LEU D 20 -21.18 -21.50 -1.40
CA LEU D 20 -19.92 -22.24 -1.36
C LEU D 20 -20.01 -23.44 -2.32
N THR D 21 -18.88 -23.84 -2.90
CA THR D 21 -18.82 -24.97 -3.81
C THR D 21 -18.26 -26.18 -3.09
N PRO D 22 -19.12 -27.18 -2.77
CA PRO D 22 -18.61 -28.33 -2.03
C PRO D 22 -17.69 -29.21 -2.86
N PHE D 23 -16.62 -29.71 -2.23
CA PHE D 23 -15.70 -30.69 -2.81
C PHE D 23 -15.57 -31.91 -1.92
N ASP D 24 -15.01 -32.98 -2.46
CA ASP D 24 -14.78 -34.20 -1.69
C ASP D 24 -13.30 -34.34 -1.38
N GLN D 25 -12.94 -35.43 -0.70
CA GLN D 25 -11.55 -35.62 -0.25
C GLN D 25 -10.60 -35.83 -1.42
N GLN D 26 -11.14 -36.17 -2.60
CA GLN D 26 -10.32 -36.28 -3.81
CA GLN D 26 -10.36 -36.30 -3.83
C GLN D 26 -10.23 -34.95 -4.55
N GLN D 27 -10.82 -33.90 -3.98
CA GLN D 27 -10.88 -32.55 -4.58
C GLN D 27 -11.90 -32.42 -5.71
N ALA D 28 -12.66 -33.48 -6.00
CA ALA D 28 -13.69 -33.45 -7.03
C ALA D 28 -14.90 -32.63 -6.56
N LEU D 29 -15.72 -32.14 -7.50
CA LEU D 29 -17.00 -31.54 -7.09
C LEU D 29 -17.80 -32.59 -6.32
N ASP D 30 -18.47 -32.15 -5.26
CA ASP D 30 -19.43 -33.00 -4.54
C ASP D 30 -20.80 -32.46 -4.88
N LYS D 31 -21.39 -33.05 -5.91
CA LYS D 31 -22.67 -32.60 -6.45
C LYS D 31 -23.86 -32.86 -5.51
N ALA D 32 -23.80 -33.96 -4.75
CA ALA D 32 -24.87 -34.25 -3.76
C ALA D 32 -24.90 -33.22 -2.63
N SER D 33 -23.73 -32.84 -2.12
CA SER D 33 -23.64 -31.75 -1.13
C SER D 33 -24.04 -30.40 -1.70
N LEU D 34 -23.75 -30.15 -2.98
CA LEU D 34 -24.16 -28.92 -3.66
C LEU D 34 -25.69 -28.79 -3.64
N ARG D 35 -26.38 -29.85 -4.06
CA ARG D 35 -27.84 -29.86 -4.03
C ARG D 35 -28.38 -29.62 -2.61
N ARG D 36 -27.80 -30.34 -1.64
CA ARG D 36 -28.18 -30.23 -0.24
C ARG D 36 -27.97 -28.82 0.34
N LEU D 37 -26.87 -28.18 -0.06
CA LEU D 37 -26.60 -26.80 0.37
C LEU D 37 -27.57 -25.79 -0.27
N VAL D 38 -27.88 -26.00 -1.55
CA VAL D 38 -28.87 -25.16 -2.23
C VAL D 38 -30.22 -25.30 -1.54
N GLN D 39 -30.65 -26.52 -1.21
CA GLN D 39 -31.92 -26.70 -0.51
C GLN D 39 -31.89 -26.11 0.90
N PHE D 40 -30.75 -26.22 1.58
CA PHE D 40 -30.57 -25.66 2.92
C PHE D 40 -30.76 -24.15 2.93
N ASN D 41 -30.15 -23.48 1.96
CA ASN D 41 -30.32 -22.05 1.78
C ASN D 41 -31.78 -21.67 1.51
N ILE D 42 -32.45 -22.42 0.64
CA ILE D 42 -33.87 -22.18 0.34
C ILE D 42 -34.73 -22.34 1.60
N GLN D 43 -34.53 -23.43 2.33
CA GLN D 43 -35.32 -23.73 3.55
C GLN D 43 -35.16 -22.65 4.62
N GLN D 44 -34.00 -21.99 4.64
CA GLN D 44 -33.73 -20.90 5.57
C GLN D 44 -34.34 -19.56 5.17
N GLY D 45 -34.92 -19.49 3.98
CA GLY D 45 -35.62 -18.31 3.52
C GLY D 45 -34.71 -17.25 2.92
N ILE D 46 -33.59 -17.68 2.36
CA ILE D 46 -32.69 -16.76 1.64
C ILE D 46 -33.41 -16.21 0.40
N ASP D 47 -33.11 -14.96 0.03
CA ASP D 47 -33.73 -14.33 -1.13
C ASP D 47 -33.19 -14.90 -2.45
N GLY D 48 -31.95 -15.35 -2.45
CA GLY D 48 -31.35 -15.83 -3.67
C GLY D 48 -29.94 -16.34 -3.46
N LEU D 49 -29.33 -16.82 -4.55
CA LEU D 49 -27.96 -17.31 -4.51
C LEU D 49 -27.10 -16.66 -5.58
N TYR D 50 -25.85 -16.39 -5.19
CA TYR D 50 -24.82 -15.86 -6.06
C TYR D 50 -23.82 -17.02 -6.21
N VAL D 51 -23.79 -17.60 -7.40
CA VAL D 51 -23.10 -18.88 -7.63
C VAL D 51 -21.76 -18.75 -8.34
N GLY D 52 -20.79 -19.52 -7.88
CA GLY D 52 -19.46 -19.55 -8.47
C GLY D 52 -18.72 -18.25 -8.34
N GLY D 53 -18.92 -17.56 -7.22
CA GLY D 53 -18.21 -16.32 -6.93
C GLY D 53 -16.87 -16.53 -6.27
N SER D 54 -16.35 -15.45 -5.67
CA SER D 54 -15.14 -15.51 -4.86
C SER D 54 -15.29 -16.56 -3.77
N THR D 55 -16.39 -16.47 -3.03
CA THR D 55 -16.76 -17.44 -1.99
C THR D 55 -16.94 -18.86 -2.54
N GLY D 56 -17.44 -18.97 -3.76
CA GLY D 56 -17.60 -20.25 -4.44
C GLY D 56 -16.33 -20.84 -5.04
N GLU D 57 -15.19 -20.24 -4.73
CA GLU D 57 -13.88 -20.77 -5.14
C GLU D 57 -13.77 -20.87 -6.68
N ALA D 58 -14.35 -19.89 -7.36
CA ALA D 58 -14.32 -19.84 -8.82
C ALA D 58 -12.92 -20.02 -9.38
N PHE D 59 -11.93 -19.41 -8.76
CA PHE D 59 -10.61 -19.26 -9.42
C PHE D 59 -9.70 -20.47 -9.21
N VAL D 60 -10.22 -21.51 -8.56
CA VAL D 60 -9.54 -22.81 -8.53
C VAL D 60 -10.36 -23.91 -9.23
N GLN D 61 -11.35 -23.51 -10.03
CA GLN D 61 -12.11 -24.43 -10.87
C GLN D 61 -11.98 -24.15 -12.37
N SER D 62 -12.21 -25.19 -13.16
CA SER D 62 -12.26 -25.09 -14.60
C SER D 62 -13.58 -24.50 -15.03
N LEU D 63 -13.64 -24.06 -16.29
CA LEU D 63 -14.90 -23.54 -16.84
C LEU D 63 -15.97 -24.62 -16.83
N SER D 64 -15.58 -25.84 -17.19
CA SER D 64 -16.49 -26.99 -17.17
C SER D 64 -17.09 -27.22 -15.78
N GLU D 65 -16.23 -27.18 -14.75
CA GLU D 65 -16.68 -27.36 -13.37
C GLU D 65 -17.64 -26.25 -12.96
N ARG D 66 -17.29 -25.01 -13.30
CA ARG D 66 -18.15 -23.88 -12.98
C ARG D 66 -19.50 -24.02 -13.69
N GLU D 67 -19.49 -24.46 -14.94
CA GLU D 67 -20.73 -24.72 -15.68
C GLU D 67 -21.57 -25.82 -15.02
N GLN D 68 -20.92 -26.91 -14.60
CA GLN D 68 -21.64 -28.03 -13.95
C GLN D 68 -22.33 -27.55 -12.67
N VAL D 69 -21.64 -26.71 -11.90
CA VAL D 69 -22.23 -26.14 -10.69
C VAL D 69 -23.41 -25.20 -11.02
N LEU D 70 -23.24 -24.31 -11.99
CA LEU D 70 -24.34 -23.42 -12.42
C LEU D 70 -25.58 -24.22 -12.81
N GLU D 71 -25.35 -25.26 -13.60
CA GLU D 71 -26.42 -26.07 -14.16
C GLU D 71 -27.24 -26.70 -13.04
N ILE D 72 -26.54 -27.28 -12.06
CA ILE D 72 -27.17 -27.97 -10.93
C ILE D 72 -27.94 -26.99 -10.02
N VAL D 73 -27.37 -25.81 -9.77
CA VAL D 73 -28.08 -24.84 -8.94
C VAL D 73 -29.40 -24.40 -9.60
N ALA D 74 -29.39 -24.17 -10.91
CA ALA D 74 -30.61 -23.81 -11.65
C ALA D 74 -31.65 -24.93 -11.59
N GLU D 75 -31.19 -26.17 -11.77
CA GLU D 75 -32.07 -27.32 -11.59
C GLU D 75 -32.74 -27.36 -10.21
N GLU D 76 -31.98 -27.01 -9.18
CA GLU D 76 -32.46 -27.11 -7.81
C GLU D 76 -33.30 -25.92 -7.37
N ALA D 77 -33.08 -24.75 -7.99
CA ALA D 77 -33.61 -23.48 -7.46
C ALA D 77 -34.30 -22.53 -8.46
N LYS D 78 -34.22 -22.80 -9.77
CA LYS D 78 -34.81 -21.87 -10.73
C LYS D 78 -36.30 -21.69 -10.43
N GLY D 79 -36.73 -20.43 -10.36
CA GLY D 79 -38.12 -20.08 -10.09
C GLY D 79 -38.54 -20.00 -8.62
N LYS D 80 -37.71 -20.52 -7.72
CA LYS D 80 -38.04 -20.55 -6.27
C LYS D 80 -37.39 -19.40 -5.51
N ILE D 81 -36.13 -19.12 -5.87
CA ILE D 81 -35.39 -17.96 -5.37
C ILE D 81 -34.61 -17.33 -6.52
N LYS D 82 -34.05 -16.13 -6.28
CA LYS D 82 -33.31 -15.42 -7.32
C LYS D 82 -31.93 -16.07 -7.52
N LEU D 83 -31.46 -16.11 -8.76
CA LEU D 83 -30.19 -16.76 -9.09
C LEU D 83 -29.26 -15.86 -9.89
N ILE D 84 -28.07 -15.64 -9.34
CA ILE D 84 -27.04 -14.81 -9.97
C ILE D 84 -25.82 -15.68 -10.25
N ALA D 85 -25.38 -15.72 -11.51
CA ALA D 85 -24.23 -16.52 -11.91
C ALA D 85 -22.99 -15.64 -11.94
N HIS D 86 -22.01 -15.89 -11.08
CA HIS D 86 -20.74 -15.20 -11.23
C HIS D 86 -19.95 -15.89 -12.32
N VAL D 87 -19.79 -15.21 -13.45
CA VAL D 87 -19.19 -15.78 -14.64
C VAL D 87 -17.77 -15.25 -14.85
N GLY D 88 -17.31 -14.38 -13.93
CA GLY D 88 -16.04 -13.68 -14.10
C GLY D 88 -14.80 -14.54 -14.11
N CYS D 89 -13.93 -14.27 -15.08
CA CYS D 89 -12.58 -14.84 -15.17
C CYS D 89 -11.63 -13.70 -15.51
N VAL D 90 -10.34 -13.96 -15.52
CA VAL D 90 -9.40 -12.94 -16.02
C VAL D 90 -9.65 -12.74 -17.51
N SER D 91 -9.82 -13.85 -18.24
CA SER D 91 -10.10 -13.80 -19.68
C SER D 91 -11.52 -13.35 -19.98
N THR D 92 -11.66 -12.43 -20.92
CA THR D 92 -12.98 -12.00 -21.35
C THR D 92 -13.73 -13.15 -22.03
N ALA D 93 -13.04 -13.84 -22.94
CA ALA D 93 -13.65 -14.94 -23.68
C ALA D 93 -14.16 -16.07 -22.76
N GLU D 94 -13.39 -16.40 -21.73
CA GLU D 94 -13.81 -17.43 -20.78
C GLU D 94 -15.05 -16.97 -20.03
N SER D 95 -15.01 -15.72 -19.57
CA SER D 95 -16.17 -15.09 -18.94
C SER D 95 -17.40 -15.13 -19.84
N GLN D 96 -17.20 -14.92 -21.14
CA GLN D 96 -18.31 -14.94 -22.12
C GLN D 96 -18.92 -16.33 -22.28
N GLN D 97 -18.08 -17.37 -22.26
CA GLN D 97 -18.58 -18.73 -22.32
C GLN D 97 -19.48 -19.01 -21.12
N LEU D 98 -19.02 -18.66 -19.92
CA LEU D 98 -19.84 -18.86 -18.71
C LEU D 98 -21.14 -18.04 -18.72
N ALA D 99 -21.08 -16.84 -19.25
CA ALA D 99 -22.26 -15.98 -19.39
C ALA D 99 -23.32 -16.64 -20.29
N ALA D 100 -22.88 -17.17 -21.44
CA ALA D 100 -23.76 -17.87 -22.39
C ALA D 100 -24.41 -19.09 -21.76
N SER D 101 -23.66 -19.75 -20.89
CA SER D 101 -24.13 -20.95 -20.22
C SER D 101 -25.13 -20.56 -19.14
N ALA D 102 -24.85 -19.49 -18.41
CA ALA D 102 -25.80 -18.94 -17.43
C ALA D 102 -27.16 -18.63 -18.08
N LYS D 103 -27.13 -18.06 -19.29
CA LYS D 103 -28.34 -17.76 -20.05
C LYS D 103 -29.10 -19.05 -20.37
N ARG D 104 -28.36 -20.04 -20.87
CA ARG D 104 -28.90 -21.35 -21.24
C ARG D 104 -29.61 -22.04 -20.07
N TYR D 105 -29.01 -21.97 -18.88
CA TYR D 105 -29.58 -22.59 -17.67
C TYR D 105 -30.70 -21.79 -16.99
N GLY D 106 -30.95 -20.56 -17.46
CA GLY D 106 -32.09 -19.77 -16.98
C GLY D 106 -31.83 -19.00 -15.70
N PHE D 107 -30.56 -18.59 -15.50
CA PHE D 107 -30.24 -17.68 -14.40
C PHE D 107 -30.94 -16.31 -14.59
N ASP D 108 -31.12 -15.59 -13.49
CA ASP D 108 -31.77 -14.29 -13.50
C ASP D 108 -30.82 -13.15 -13.81
N ALA D 109 -29.52 -13.38 -13.59
CA ALA D 109 -28.51 -12.35 -13.86
C ALA D 109 -27.13 -13.00 -13.91
N VAL D 110 -26.16 -12.26 -14.45
CA VAL D 110 -24.76 -12.65 -14.38
C VAL D 110 -23.99 -11.61 -13.56
N SER D 111 -22.76 -11.96 -13.20
CA SER D 111 -21.90 -11.05 -12.46
C SER D 111 -20.45 -11.36 -12.84
N ALA D 112 -19.58 -10.35 -12.84
CA ALA D 112 -18.15 -10.57 -13.12
C ALA D 112 -17.26 -9.68 -12.27
N VAL D 113 -16.24 -10.29 -11.67
CA VAL D 113 -15.30 -9.57 -10.84
C VAL D 113 -14.47 -8.77 -11.81
N THR D 114 -13.98 -7.61 -11.38
CA THR D 114 -13.04 -6.85 -12.19
C THR D 114 -11.84 -7.73 -12.49
N PRO D 115 -11.51 -7.96 -13.77
CA PRO D 115 -10.44 -8.92 -14.03
C PRO D 115 -9.11 -8.46 -13.44
N PHE D 116 -8.39 -9.43 -12.90
CA PHE D 116 -7.30 -9.17 -11.96
C PHE D 116 -5.96 -9.71 -12.48
N TYR D 117 -4.95 -9.70 -11.60
CA TYR D 117 -3.55 -10.04 -11.89
C TYR D 117 -2.88 -9.03 -12.83
N TYR D 118 -3.25 -9.07 -14.12
CA TYR D 118 -2.65 -8.15 -15.11
C TYR D 118 -3.31 -6.80 -14.98
N PRO D 119 -2.52 -5.72 -14.96
CA PRO D 119 -3.15 -4.41 -14.99
C PRO D 119 -3.85 -4.15 -16.33
N PHE D 120 -5.09 -3.69 -16.26
CA PHE D 120 -5.86 -3.32 -17.43
C PHE D 120 -6.30 -1.88 -17.29
N SER D 121 -6.42 -1.18 -18.41
CA SER D 121 -6.88 0.20 -18.38
C SER D 121 -8.35 0.21 -18.01
N PHE D 122 -8.87 1.36 -17.60
CA PHE D 122 -10.29 1.45 -17.32
C PHE D 122 -11.15 1.13 -18.54
N GLU D 123 -10.75 1.63 -19.71
CA GLU D 123 -11.44 1.33 -20.95
C GLU D 123 -11.46 -0.18 -21.23
N GLU D 124 -10.38 -0.86 -20.86
CA GLU D 124 -10.32 -2.30 -21.04
C GLU D 124 -11.31 -3.00 -20.11
N HIS D 125 -11.43 -2.51 -18.88
CA HIS D 125 -12.45 -3.05 -17.98
C HIS D 125 -13.86 -2.83 -18.55
N CYS D 126 -14.10 -1.64 -19.10
CA CYS D 126 -15.41 -1.34 -19.66
C CYS D 126 -15.77 -2.28 -20.81
N ASP D 127 -14.83 -2.48 -21.72
CA ASP D 127 -15.02 -3.40 -22.84
C ASP D 127 -15.23 -4.85 -22.37
N HIS D 128 -14.52 -5.23 -21.31
CA HIS D 128 -14.71 -6.55 -20.69
C HIS D 128 -16.17 -6.75 -20.28
N TYR D 129 -16.71 -5.82 -19.50
CA TYR D 129 -18.12 -5.89 -19.11
C TYR D 129 -19.10 -5.84 -20.30
N ARG D 130 -18.79 -5.01 -21.31
CA ARG D 130 -19.66 -4.92 -22.50
C ARG D 130 -19.76 -6.26 -23.24
N ALA D 131 -18.61 -6.94 -23.37
CA ALA D 131 -18.55 -8.20 -24.09
C ALA D 131 -19.32 -9.28 -23.36
N ILE D 132 -19.17 -9.31 -22.03
CA ILE D 132 -19.87 -10.29 -21.19
C ILE D 132 -21.37 -10.09 -21.22
N ILE D 133 -21.78 -8.81 -21.16
CA ILE D 133 -23.19 -8.42 -21.27
C ILE D 133 -23.79 -8.87 -22.61
N ASP D 134 -23.03 -8.70 -23.70
CA ASP D 134 -23.47 -9.16 -25.01
C ASP D 134 -23.76 -10.67 -24.97
N SER D 135 -22.82 -11.43 -24.40
CA SER D 135 -22.96 -12.88 -24.30
C SER D 135 -24.06 -13.33 -23.34
N ALA D 136 -24.31 -12.55 -22.29
CA ALA D 136 -25.41 -12.83 -21.37
C ALA D 136 -26.78 -12.75 -22.04
N ASP D 137 -26.85 -12.16 -23.24
CA ASP D 137 -28.05 -12.25 -24.09
C ASP D 137 -29.34 -11.89 -23.32
N GLY D 138 -29.32 -10.75 -22.64
CA GLY D 138 -30.50 -10.26 -21.92
C GLY D 138 -30.53 -10.40 -20.39
N LEU D 139 -29.64 -11.23 -19.83
CA LEU D 139 -29.49 -11.27 -18.37
C LEU D 139 -28.75 -10.02 -17.90
N PRO D 140 -29.29 -9.29 -16.90
CA PRO D 140 -28.59 -8.14 -16.38
C PRO D 140 -27.24 -8.50 -15.74
N MET D 141 -26.31 -7.55 -15.79
CA MET D 141 -24.98 -7.71 -15.21
C MET D 141 -24.94 -7.12 -13.81
N VAL D 142 -24.26 -7.81 -12.90
CA VAL D 142 -23.96 -7.27 -11.59
C VAL D 142 -22.45 -7.05 -11.58
N VAL D 143 -22.03 -5.79 -11.59
CA VAL D 143 -20.61 -5.47 -11.51
C VAL D 143 -20.14 -5.85 -10.10
N PHE D 144 -18.98 -6.50 -10.02
CA PHE D 144 -18.44 -6.99 -8.75
C PHE D 144 -17.08 -6.33 -8.47
N ASN D 145 -17.10 -5.40 -7.51
CA ASN D 145 -15.94 -4.63 -7.07
C ASN D 145 -15.41 -5.20 -5.76
N ILE D 146 -14.17 -5.69 -5.76
CA ILE D 146 -13.56 -6.24 -4.55
C ILE D 146 -12.07 -5.88 -4.52
N PRO D 147 -11.77 -4.59 -4.25
CA PRO D 147 -10.40 -4.10 -4.38
C PRO D 147 -9.35 -4.83 -3.54
N ALA D 148 -9.73 -5.30 -2.34
CA ALA D 148 -8.78 -5.95 -1.43
C ALA D 148 -8.13 -7.19 -2.02
N LEU D 149 -8.87 -7.91 -2.88
CA LEU D 149 -8.36 -9.10 -3.54
C LEU D 149 -7.99 -8.89 -5.01
N SER D 150 -8.75 -8.04 -5.72
CA SER D 150 -8.54 -7.85 -7.17
C SER D 150 -7.33 -6.97 -7.47
N GLY D 151 -7.03 -6.04 -6.56
CA GLY D 151 -5.99 -5.06 -6.79
C GLY D 151 -6.42 -3.96 -7.72
N VAL D 152 -7.69 -3.97 -8.11
CA VAL D 152 -8.23 -2.98 -9.03
C VAL D 152 -8.87 -1.89 -8.20
N LYS D 153 -8.41 -0.67 -8.40
CA LYS D 153 -8.70 0.48 -7.57
C LYS D 153 -9.53 1.50 -8.33
N LEU D 154 -10.83 1.23 -8.44
CA LEU D 154 -11.73 2.08 -9.21
C LEU D 154 -12.07 3.37 -8.46
N THR D 155 -11.99 4.49 -9.16
CA THR D 155 -12.48 5.77 -8.63
C THR D 155 -14.01 5.77 -8.65
N LEU D 156 -14.62 6.71 -7.93
CA LEU D 156 -16.09 6.85 -7.95
C LEU D 156 -16.60 7.09 -9.36
N ASP D 157 -15.92 7.96 -10.11
CA ASP D 157 -16.32 8.26 -11.49
C ASP D 157 -16.29 7.01 -12.37
N GLN D 158 -15.27 6.18 -12.18
CA GLN D 158 -15.15 4.93 -12.92
C GLN D 158 -16.27 3.95 -12.58
N ILE D 159 -16.62 3.83 -11.30
CA ILE D 159 -17.74 3.00 -10.86
C ILE D 159 -19.05 3.52 -11.49
N ASN D 160 -19.21 4.85 -11.51
CA ASN D 160 -20.40 5.46 -12.11
C ASN D 160 -20.55 5.09 -13.58
N THR D 161 -19.44 5.08 -14.31
CA THR D 161 -19.44 4.69 -15.71
C THR D 161 -19.79 3.21 -15.88
N LEU D 162 -19.15 2.34 -15.09
CA LEU D 162 -19.43 0.89 -15.18
C LEU D 162 -20.88 0.56 -14.88
N VAL D 163 -21.43 1.14 -13.81
CA VAL D 163 -22.79 0.75 -13.38
C VAL D 163 -23.89 1.37 -14.24
N THR D 164 -23.54 2.29 -15.13
CA THR D 164 -24.49 2.85 -16.08
C THR D 164 -24.30 2.30 -17.50
N LEU D 165 -23.41 1.32 -17.68
CA LEU D 165 -23.33 0.61 -18.95
C LEU D 165 -24.68 -0.02 -19.26
N PRO D 166 -25.11 0.03 -20.54
CA PRO D 166 -26.34 -0.67 -20.92
C PRO D 166 -26.29 -2.13 -20.49
N GLY D 167 -27.27 -2.56 -19.69
CA GLY D 167 -27.35 -3.94 -19.25
C GLY D 167 -26.87 -4.21 -17.82
N VAL D 168 -26.26 -3.22 -17.16
CA VAL D 168 -25.93 -3.38 -15.74
C VAL D 168 -27.14 -3.06 -14.87
N GLY D 169 -27.47 -3.98 -13.97
CA GLY D 169 -28.61 -3.82 -13.07
C GLY D 169 -28.28 -3.78 -11.59
N ALA D 170 -27.00 -3.88 -11.23
CA ALA D 170 -26.60 -3.88 -9.83
C ALA D 170 -25.08 -3.81 -9.69
N LEU D 171 -24.65 -3.45 -8.49
CA LEU D 171 -23.24 -3.46 -8.08
C LEU D 171 -23.14 -4.26 -6.80
N KPI D 172 -22.28 -5.27 -6.80
CA KPI D 172 -21.85 -5.93 -5.59
CB KPI D 172 -21.57 -7.42 -5.82
CG KPI D 172 -21.13 -8.15 -4.57
CD KPI D 172 -20.81 -9.60 -4.84
CE KPI D 172 -20.14 -10.21 -3.64
NZ KPI D 172 -19.69 -11.58 -3.94
CX1 KPI D 172 -19.23 -12.43 -3.02
C1 KPI D 172 -19.56 -12.31 -1.52
CX2 KPI D 172 -18.39 -13.58 -3.51
O1 KPI D 172 -17.97 -14.41 -2.68
O2 KPI D 172 -18.14 -13.66 -4.72
C KPI D 172 -20.58 -5.21 -5.13
O KPI D 172 -19.54 -5.24 -5.80
N GLN D 173 -20.71 -4.53 -3.99
CA GLN D 173 -19.69 -3.61 -3.49
C GLN D 173 -19.04 -4.23 -2.26
N THR D 174 -17.99 -4.99 -2.51
CA THR D 174 -17.19 -5.57 -1.43
C THR D 174 -16.07 -4.58 -1.14
N SER D 175 -16.47 -3.50 -0.46
CA SER D 175 -15.57 -2.43 -0.04
C SER D 175 -16.03 -1.95 1.33
N GLY D 176 -15.07 -1.64 2.20
CA GLY D 176 -15.36 -1.09 3.52
C GLY D 176 -15.49 0.43 3.58
N ASP D 177 -15.41 1.08 2.42
CA ASP D 177 -15.49 2.53 2.33
C ASP D 177 -16.95 2.97 2.22
N LEU D 178 -17.55 3.31 3.35
CA LEU D 178 -18.97 3.64 3.40
C LEU D 178 -19.29 5.10 3.05
N TYR D 179 -18.26 5.92 2.86
CA TYR D 179 -18.43 7.19 2.14
C TYR D 179 -18.72 6.90 0.68
N GLN D 180 -17.90 6.05 0.06
CA GLN D 180 -18.16 5.64 -1.32
C GLN D 180 -19.54 5.00 -1.47
N MET D 181 -19.93 4.15 -0.50
CA MET D 181 -21.24 3.49 -0.53
C MET D 181 -22.36 4.53 -0.57
N GLU D 182 -22.23 5.55 0.28
CA GLU D 182 -23.20 6.64 0.29
C GLU D 182 -23.20 7.40 -1.04
N GLN D 183 -22.01 7.73 -1.54
CA GLN D 183 -21.85 8.45 -2.82
C GLN D 183 -22.49 7.70 -4.00
N ILE D 184 -22.30 6.38 -4.06
CA ILE D 184 -22.93 5.57 -5.11
C ILE D 184 -24.47 5.67 -5.02
N ARG D 185 -25.01 5.47 -3.82
CA ARG D 185 -26.46 5.55 -3.60
C ARG D 185 -27.01 6.92 -4.00
N ARG D 186 -26.29 7.98 -3.62
CA ARG D 186 -26.69 9.34 -3.96
C ARG D 186 -26.71 9.56 -5.47
N GLU D 187 -25.71 9.05 -6.17
CA GLU D 187 -25.62 9.24 -7.62
C GLU D 187 -26.63 8.34 -8.38
N HIS D 188 -26.96 7.18 -7.83
CA HIS D 188 -27.82 6.19 -8.50
C HIS D 188 -28.96 5.75 -7.59
N PRO D 189 -30.03 6.57 -7.49
CA PRO D 189 -31.11 6.33 -6.52
C PRO D 189 -31.80 4.97 -6.64
N ASP D 190 -31.79 4.39 -7.84
CA ASP D 190 -32.54 3.15 -8.13
C ASP D 190 -31.65 1.90 -8.24
N LEU D 191 -30.33 2.08 -8.16
CA LEU D 191 -29.38 0.98 -8.30
C LEU D 191 -29.48 -0.04 -7.16
N VAL D 192 -29.55 -1.31 -7.53
CA VAL D 192 -29.46 -2.41 -6.59
C VAL D 192 -28.01 -2.46 -6.11
N LEU D 193 -27.81 -2.30 -4.80
CA LEU D 193 -26.47 -2.10 -4.24
C LEU D 193 -26.24 -3.09 -3.12
N TYR D 194 -25.48 -4.14 -3.41
CA TYR D 194 -25.23 -5.19 -2.43
C TYR D 194 -24.02 -4.88 -1.60
N ASN D 195 -24.23 -4.83 -0.29
CA ASN D 195 -23.12 -4.80 0.66
C ASN D 195 -22.40 -6.14 0.59
N GLY D 196 -21.07 -6.10 0.44
CA GLY D 196 -20.25 -7.30 0.25
C GLY D 196 -19.45 -7.77 1.46
N TYR D 197 -19.16 -6.88 2.39
CA TYR D 197 -18.51 -7.26 3.67
C TYR D 197 -19.56 -7.49 4.77
N ASP D 198 -19.70 -8.75 5.17
CA ASP D 198 -20.75 -9.14 6.13
C ASP D 198 -20.58 -8.44 7.49
N ASN D 199 -19.34 -8.19 7.88
CA ASN D 199 -19.06 -7.61 9.21
C ASN D 199 -19.36 -6.11 9.36
N ILE D 200 -19.85 -5.48 8.28
CA ILE D 200 -20.31 -4.09 8.34
C ILE D 200 -21.71 -3.93 7.74
N PHE D 201 -22.43 -5.05 7.61
CA PHE D 201 -23.72 -5.07 6.92
C PHE D 201 -24.67 -3.96 7.38
N ALA D 202 -24.91 -3.85 8.68
CA ALA D 202 -25.86 -2.84 9.21
C ALA D 202 -25.42 -1.43 8.82
N SER D 203 -24.15 -1.13 9.04
CA SER D 203 -23.57 0.16 8.63
C SER D 203 -23.64 0.40 7.12
N GLY D 204 -23.50 -0.66 6.33
CA GLY D 204 -23.56 -0.53 4.88
C GLY D 204 -24.96 -0.19 4.39
N LEU D 205 -25.96 -0.87 4.95
CA LEU D 205 -27.35 -0.53 4.67
C LEU D 205 -27.61 0.93 5.03
N LEU D 206 -27.14 1.35 6.21
CA LEU D 206 -27.36 2.72 6.66
C LEU D 206 -26.75 3.76 5.71
N ALA D 207 -25.60 3.42 5.13
CA ALA D 207 -24.92 4.27 4.16
C ALA D 207 -25.60 4.28 2.80
N GLY D 208 -26.38 3.23 2.50
CA GLY D 208 -27.19 3.25 1.28
C GLY D 208 -27.35 1.94 0.52
N ALA D 209 -26.65 0.89 0.92
CA ALA D 209 -26.87 -0.42 0.32
C ALA D 209 -28.30 -0.87 0.61
N ASP D 210 -28.91 -1.60 -0.32
CA ASP D 210 -30.30 -2.04 -0.15
C ASP D 210 -30.41 -3.57 -0.03
N GLY D 211 -29.28 -4.20 0.25
CA GLY D 211 -29.23 -5.65 0.33
C GLY D 211 -27.78 -6.06 0.47
N GLY D 212 -27.50 -7.34 0.25
CA GLY D 212 -26.14 -7.84 0.36
C GLY D 212 -25.96 -9.19 -0.27
N ILE D 213 -24.70 -9.50 -0.56
CA ILE D 213 -24.26 -10.81 -1.02
C ILE D 213 -23.11 -11.18 -0.09
N GLY D 214 -23.19 -12.34 0.55
CA GLY D 214 -22.21 -12.67 1.60
C GLY D 214 -22.00 -14.14 1.84
N SER D 215 -20.76 -14.51 2.17
CA SER D 215 -20.44 -15.89 2.46
C SER D 215 -21.16 -16.41 3.71
N THR D 216 -21.27 -15.59 4.76
CA THR D 216 -21.79 -16.10 6.04
C THR D 216 -23.31 -16.33 6.05
N TYR D 217 -23.98 -15.86 5.00
CA TYR D 217 -25.42 -16.01 4.86
C TYR D 217 -25.77 -17.50 4.72
N ASN D 218 -24.81 -18.30 4.25
CA ASN D 218 -24.99 -19.77 4.18
C ASN D 218 -25.32 -20.40 5.53
N ILE D 219 -24.84 -19.82 6.63
CA ILE D 219 -25.06 -20.41 7.97
C ILE D 219 -25.98 -19.59 8.86
N MET D 220 -26.20 -18.32 8.53
CA MET D 220 -26.98 -17.43 9.40
C MET D 220 -27.65 -16.27 8.64
N GLY D 221 -28.08 -16.54 7.41
CA GLY D 221 -28.70 -15.53 6.55
C GLY D 221 -29.89 -14.83 7.17
N TRP D 222 -30.64 -15.55 8.00
CA TRP D 222 -31.78 -14.96 8.71
C TRP D 222 -31.39 -13.75 9.59
N ARG D 223 -30.18 -13.76 10.12
CA ARG D 223 -29.69 -12.63 10.92
C ARG D 223 -29.59 -11.35 10.08
N TYR D 224 -29.07 -11.46 8.86
CA TYR D 224 -28.95 -10.31 7.94
C TYR D 224 -30.34 -9.86 7.48
N GLN D 225 -31.24 -10.80 7.21
CA GLN D 225 -32.65 -10.49 6.95
CA GLN D 225 -32.62 -10.43 6.93
C GLN D 225 -33.21 -9.70 8.14
N GLY D 226 -32.86 -10.15 9.35
CA GLY D 226 -33.29 -9.51 10.59
C GLY D 226 -32.82 -8.08 10.76
N ILE D 227 -31.59 -7.80 10.29
CA ILE D 227 -31.03 -6.46 10.30
C ILE D 227 -31.76 -5.55 9.32
N VAL D 228 -32.04 -6.03 8.11
CA VAL D 228 -32.81 -5.26 7.13
C VAL D 228 -34.20 -4.89 7.70
N LYS D 229 -34.83 -5.85 8.38
CA LYS D 229 -36.17 -5.62 8.96
C LYS D 229 -36.08 -4.61 10.10
N ALA D 230 -35.17 -4.85 11.04
CA ALA D 230 -34.96 -3.97 12.19
C ALA D 230 -34.68 -2.52 11.79
N LEU D 231 -33.83 -2.31 10.79
CA LEU D 231 -33.55 -0.96 10.30
C LEU D 231 -34.78 -0.32 9.63
N LYS D 232 -35.53 -1.11 8.87
CA LYS D 232 -36.78 -0.62 8.29
C LYS D 232 -37.79 -0.16 9.35
N GLU D 233 -37.80 -0.85 10.50
CA GLU D 233 -38.74 -0.54 11.59
C GLU D 233 -38.19 0.46 12.61
N GLY D 234 -37.01 1.02 12.35
CA GLY D 234 -36.37 1.95 13.27
C GLY D 234 -35.97 1.35 14.61
N ASP D 235 -35.74 0.03 14.63
CA ASP D 235 -35.27 -0.65 15.83
C ASP D 235 -33.74 -0.79 15.72
N ILE D 236 -33.05 0.31 16.00
CA ILE D 236 -31.59 0.38 15.88
C ILE D 236 -30.95 -0.63 16.82
N GLN D 237 -31.45 -0.68 18.05
CA GLN D 237 -30.97 -1.61 19.07
C GLN D 237 -30.91 -3.06 18.56
N THR D 238 -31.98 -3.53 17.92
CA THR D 238 -32.02 -4.92 17.43
C THR D 238 -31.08 -5.12 16.24
N ALA D 239 -30.97 -4.12 15.37
CA ALA D 239 -30.01 -4.16 14.25
C ALA D 239 -28.57 -4.26 14.77
N GLN D 240 -28.24 -3.44 15.77
CA GLN D 240 -26.90 -3.52 16.37
C GLN D 240 -26.62 -4.85 17.03
N LYS D 241 -27.60 -5.37 17.79
CA LYS D 241 -27.43 -6.63 18.51
C LYS D 241 -27.16 -7.80 17.54
N LEU D 242 -27.89 -7.80 16.43
CA LEU D 242 -27.75 -8.82 15.38
C LEU D 242 -26.39 -8.70 14.69
N GLN D 243 -26.00 -7.48 14.36
CA GLN D 243 -24.69 -7.25 13.75
C GLN D 243 -23.59 -7.72 14.69
N THR D 244 -23.69 -7.38 15.97
CA THR D 244 -22.74 -7.87 16.98
C THR D 244 -22.64 -9.40 17.02
N GLU D 245 -23.78 -10.10 16.97
CA GLU D 245 -23.76 -11.57 16.97
C GLU D 245 -23.12 -12.12 15.69
N CYS D 246 -23.43 -11.49 14.56
CA CYS D 246 -22.77 -11.84 13.29
C CYS D 246 -21.26 -11.64 13.35
N ASN D 247 -20.80 -10.56 13.97
CA ASN D 247 -19.36 -10.28 14.09
C ASN D 247 -18.63 -11.19 15.05
N LYS D 248 -19.32 -11.64 16.11
CA LYS D 248 -18.76 -12.65 17.00
C LYS D 248 -18.43 -13.93 16.21
N VAL D 249 -19.33 -14.30 15.30
CA VAL D 249 -19.13 -15.44 14.44
C VAL D 249 -18.01 -15.18 13.43
N ILE D 250 -17.97 -13.97 12.88
CA ILE D 250 -17.00 -13.63 11.84
C ILE D 250 -15.58 -13.60 12.43
N ASP D 251 -15.43 -13.08 13.64
CA ASP D 251 -14.17 -13.17 14.36
C ASP D 251 -13.62 -14.60 14.31
N LEU D 252 -14.45 -15.58 14.68
CA LEU D 252 -14.03 -16.97 14.70
C LEU D 252 -13.69 -17.49 13.30
N LEU D 253 -14.52 -17.15 12.33
CA LEU D 253 -14.32 -17.60 10.95
C LEU D 253 -13.04 -17.06 10.33
N ILE D 254 -12.71 -15.82 10.66
CA ILE D 254 -11.45 -15.22 10.23
C ILE D 254 -10.26 -15.96 10.88
N LYS D 255 -10.38 -16.37 12.15
CA LYS D 255 -9.34 -17.16 12.82
C LYS D 255 -9.15 -18.52 12.13
N THR D 256 -10.26 -19.18 11.78
CA THR D 256 -10.19 -20.55 11.24
C THR D 256 -9.89 -20.59 9.75
N GLY D 257 -10.18 -19.49 9.06
CA GLY D 257 -10.26 -19.46 7.60
C GLY D 257 -11.73 -19.46 7.27
N VAL D 258 -12.18 -18.46 6.53
CA VAL D 258 -13.62 -18.21 6.38
C VAL D 258 -14.36 -19.26 5.57
N PHE D 259 -13.95 -19.52 4.32
CA PHE D 259 -14.68 -20.49 3.50
C PHE D 259 -14.67 -21.88 4.15
N ARG D 260 -13.49 -22.34 4.60
CA ARG D 260 -13.39 -23.66 5.21
C ARG D 260 -14.10 -23.71 6.57
N GLY D 261 -14.10 -22.61 7.29
CA GLY D 261 -14.86 -22.52 8.56
C GLY D 261 -16.34 -22.69 8.32
N LEU D 262 -16.84 -22.00 7.28
CA LEU D 262 -18.24 -22.11 6.89
C LEU D 262 -18.57 -23.53 6.44
N LYS D 263 -17.69 -24.12 5.62
CA LYS D 263 -17.94 -25.49 5.15
C LYS D 263 -17.98 -26.45 6.35
N THR D 264 -17.14 -26.19 7.33
CA THR D 264 -17.05 -27.03 8.52
C THR D 264 -18.31 -26.92 9.39
N VAL D 265 -18.81 -25.70 9.59
CA VAL D 265 -20.08 -25.50 10.28
C VAL D 265 -21.20 -26.25 9.56
N LEU D 266 -21.25 -26.09 8.24
CA LEU D 266 -22.24 -26.78 7.41
C LEU D 266 -22.13 -28.31 7.46
N HIS D 267 -20.91 -28.81 7.61
CA HIS D 267 -20.66 -30.25 7.80
C HIS D 267 -21.28 -30.73 9.11
N TYR D 268 -21.04 -29.97 10.18
CA TYR D 268 -21.61 -30.29 11.51
C TYR D 268 -23.12 -30.08 11.57
N MET D 269 -23.67 -29.36 10.61
CA MET D 269 -25.11 -29.24 10.42
C MET D 269 -25.70 -30.30 9.48
N ASP D 270 -24.89 -31.28 9.08
CA ASP D 270 -25.32 -32.40 8.24
CA ASP D 270 -25.32 -32.40 8.24
C ASP D 270 -25.70 -31.96 6.82
N VAL D 271 -25.04 -30.91 6.31
CA VAL D 271 -25.35 -30.41 4.96
C VAL D 271 -24.22 -30.77 3.96
N VAL D 272 -22.99 -30.50 4.36
CA VAL D 272 -21.80 -30.69 3.51
C VAL D 272 -21.03 -31.90 3.98
N SER D 273 -20.83 -32.89 3.09
CA SER D 273 -20.21 -34.14 3.46
C SER D 273 -18.77 -33.99 3.88
N VAL D 274 -18.02 -33.17 3.13
CA VAL D 274 -16.58 -33.03 3.32
C VAL D 274 -16.26 -31.53 3.32
N PRO D 275 -15.80 -31.00 4.46
CA PRO D 275 -15.73 -29.54 4.58
C PRO D 275 -14.46 -28.88 3.98
N LEU D 276 -13.92 -29.46 2.92
CA LEU D 276 -12.67 -29.01 2.33
C LEU D 276 -12.84 -27.94 1.25
N CYS D 277 -11.90 -27.00 1.25
CA CYS D 277 -11.66 -26.12 0.10
C CYS D 277 -10.58 -26.75 -0.77
N ARG D 278 -10.40 -26.23 -1.98
CA ARG D 278 -9.38 -26.79 -2.85
C ARG D 278 -7.99 -26.28 -2.55
N LYS D 279 -7.00 -27.12 -2.81
CA LYS D 279 -5.62 -26.75 -2.62
C LYS D 279 -5.35 -25.58 -3.55
N PRO D 280 -4.60 -24.58 -3.08
CA PRO D 280 -3.72 -24.63 -1.90
C PRO D 280 -4.32 -24.31 -0.53
N PHE D 281 -5.62 -24.07 -0.42
CA PHE D 281 -6.25 -24.00 0.91
C PHE D 281 -5.99 -25.32 1.63
N GLY D 282 -5.52 -25.23 2.88
CA GLY D 282 -5.37 -26.42 3.73
C GLY D 282 -6.61 -26.64 4.56
N PRO D 283 -6.62 -27.72 5.36
CA PRO D 283 -7.78 -28.01 6.20
C PRO D 283 -7.83 -27.07 7.40
N VAL D 284 -8.96 -27.03 8.08
CA VAL D 284 -9.10 -26.26 9.33
C VAL D 284 -8.17 -26.86 10.39
N ASP D 285 -7.46 -26.01 11.12
CA ASP D 285 -6.61 -26.47 12.23
C ASP D 285 -7.49 -27.23 13.21
N GLU D 286 -7.06 -28.41 13.59
CA GLU D 286 -7.87 -29.28 14.45
C GLU D 286 -8.21 -28.64 15.79
N LYS D 287 -7.32 -27.77 16.27
CA LYS D 287 -7.58 -27.04 17.53
C LYS D 287 -8.87 -26.22 17.51
N TYR D 288 -9.34 -25.80 16.32
CA TYR D 288 -10.56 -24.99 16.19
C TYR D 288 -11.86 -25.78 16.00
N LEU D 289 -11.77 -27.11 15.84
CA LEU D 289 -12.96 -27.90 15.51
C LEU D 289 -14.05 -27.84 16.61
N PRO D 290 -13.65 -27.91 17.90
CA PRO D 290 -14.64 -27.77 18.97
C PRO D 290 -15.46 -26.47 18.91
N GLU D 291 -14.80 -25.32 18.68
CA GLU D 291 -15.53 -24.05 18.53
C GLU D 291 -16.51 -24.06 17.35
N LEU D 292 -16.10 -24.67 16.24
CA LEU D 292 -16.94 -24.72 15.05
C LEU D 292 -18.12 -25.68 15.25
N LYS D 293 -17.90 -26.76 15.99
CA LYS D 293 -19.01 -27.68 16.29
C LYS D 293 -20.02 -26.99 17.22
N ALA D 294 -19.50 -26.31 18.24
CA ALA D 294 -20.32 -25.54 19.17
C ALA D 294 -21.12 -24.46 18.44
N LEU D 295 -20.51 -23.79 17.46
CA LEU D 295 -21.19 -22.78 16.67
C LEU D 295 -22.30 -23.40 15.82
N ALA D 296 -22.01 -24.53 15.18
CA ALA D 296 -23.02 -25.25 14.43
C ALA D 296 -24.21 -25.61 15.33
N GLN D 297 -23.93 -26.10 16.54
CA GLN D 297 -24.98 -26.50 17.49
C GLN D 297 -25.83 -25.30 17.94
N GLN D 298 -25.16 -24.18 18.24
CA GLN D 298 -25.83 -22.93 18.57
C GLN D 298 -26.79 -22.46 17.48
N LEU D 299 -26.30 -22.44 16.23
CA LEU D 299 -27.09 -21.96 15.11
C LEU D 299 -28.26 -22.89 14.76
N MET D 300 -28.06 -24.19 14.91
CA MET D 300 -29.15 -25.14 14.71
C MET D 300 -30.24 -24.93 15.79
N GLN D 301 -29.81 -24.66 17.02
CA GLN D 301 -30.74 -24.38 18.11
C GLN D 301 -31.51 -23.09 17.86
N GLU D 302 -30.81 -22.07 17.37
CA GLU D 302 -31.40 -20.75 17.10
C GLU D 302 -32.40 -20.77 15.94
N ARG D 303 -32.09 -21.54 14.89
CA ARG D 303 -32.95 -21.55 13.70
C ARG D 303 -34.15 -22.46 13.89
N GLY D 304 -33.93 -23.61 14.53
CA GLY D 304 -35.01 -24.56 14.81
C GLY D 304 -35.50 -25.25 13.55
C PYR E . 9.85 -5.51 -16.84
O PYR E . 8.61 -5.74 -16.47
OXT PYR E . 10.71 -6.50 -17.00
CA PYR E . 10.26 -4.20 -17.06
O3 PYR E . 11.54 -3.95 -17.22
CB PYR E . 9.25 -3.10 -17.08
NA NA F . -12.11 -2.82 28.89
OH2 1PE G . -0.57 6.21 4.97
C12 1PE G . 0.68 6.53 5.56
C22 1PE G . 1.32 7.72 4.85
OH3 1PE G . 2.59 8.05 5.46
C13 1PE G . 3.62 6.31 4.05
C23 1PE G . 3.62 7.03 5.39
OH4 1PE G . 4.81 5.52 3.90
C24 1PE G . 4.82 4.88 2.60
C PYR H . -14.06 13.94 6.65
O PYR H . -13.75 14.06 7.92
OXT PYR H . -15.08 13.24 6.25
CA PYR H . -13.28 14.58 5.68
O3 PYR H . -12.83 13.91 4.66
CB PYR H . -12.99 16.04 5.86
C PYR I . 19.90 2.07 4.76
O PYR I . 20.33 3.30 4.53
OXT PYR I . 20.59 1.03 4.35
CA PYR I . 18.69 1.87 5.43
O3 PYR I . 18.35 0.64 5.80
CB PYR I . 17.78 3.03 5.72
OH2 1PE J . -4.93 -5.26 -2.92
C12 1PE J . -4.86 -6.47 -3.70
C22 1PE J . -3.41 -6.85 -3.94
OH3 1PE J . -3.16 -7.47 -5.22
C13 1PE J . -0.82 -6.63 -5.38
C23 1PE J . -2.21 -6.69 -5.99
OH4 1PE J . -0.17 -5.35 -5.61
C24 1PE J . 0.96 -5.23 -4.69
C PYR K . -16.90 -10.89 5.62
O PYR K . -17.14 -10.14 6.67
OXT PYR K . -17.63 -10.81 4.54
CA PYR K . -15.88 -11.81 5.68
O3 PYR K . -16.16 -13.08 5.53
CB PYR K . -14.47 -11.36 5.93
#